data_7OJ1
#
_entry.id   7OJ1
#
_cell.length_a   133.750
_cell.length_b   133.750
_cell.length_c   149.680
_cell.angle_alpha   90.00
_cell.angle_beta   90.00
_cell.angle_gamma   90.00
#
_symmetry.space_group_name_H-M   'I 4'
#
loop_
_entity.id
_entity.type
_entity.pdbx_description
1 polymer "Inosine-5'-monophosphate dehydrogenase"
2 polymer "Inosine-5'-monophosphate dehydrogenase"
3 non-polymer "BIS(ADENOSINE)-5'-TETRAPHOSPHATE"
4 non-polymer 'MAGNESIUM ION'
5 water water
#
loop_
_entity_poly.entity_id
_entity_poly.type
_entity_poly.pdbx_seq_one_letter_code
_entity_poly.pdbx_strand_id
1 'polypeptide(L)'
;WESKFSKEGLTFDDVLLVPAKSEVLPRDVDLSVELTKTLKLNIPVISAGMDTVTESAMAIAMARQGGLGIIHKNMSIEQQ
AEQVDKVKRSERGITNPFFLTPDHQVFDAEHLMGKRISGVPIEEDLVGIITNRDLRFISMKISDVMTKEELVTASVGTTL
DEAEKILQKHKIEKLPLVGLITIKDIEKVIEFPNSSKDIHGRLIVGAAVGVTGDTMTRVKKLVEANVDVIVIDTAHGHSQ
GVLNTVTKIRETYPELNIIAGNVATAEATRALIEAGADVVKVGIGPICTTRVVAGVGVPQITAIYDCATEARKHGKTIIA
DGGIKFSGDITKALAAGGHAVMLGSLLAGTSESPGETPYKGPVEETVYQLVGGLRSGMGYCGSKDLRALREEAQFIRMTG
A
;
A
2 'polypeptide(L)'
;HHWESKFSKEGLTFDDVLLVPAKSEVLPRDVDLSVELTKTLKLNIPVISAGMDTVTESAMAIAMARQGGLGIIHKNMSIE
QQAEQVDKVKRSERGITNPFFLTPDHQVFDAEHLMGKYRISGVPIVNNEEDQKLVGIITNRDLRFIADYSMKISDVMTKE
ELVTASVGTTLDEAEKILQKHKIEKLPLVDDQNKLKGLITIKDIEKVIEFPNSSKDIHGRLIVGAAVGVTGDTMTRVKKL
VEANVDVIVIDTAHGHSQGVLNTVTKIRETYPELNIIAGNVATAEATRALIEAGADVVKVGIGPGSICTTRVVAGVGVPQ
ITAIYDCATEARKHGKTIIADGGIKFSGDITKALAAGGHAVMLGSLLAGTSESPGAAAAPYKGPVEETVYQLVGGLRSGM
GYCGSKDLRALREEAQFIRMTGAAA
;
B
#
loop_
_chem_comp.id
_chem_comp.type
_chem_comp.name
_chem_comp.formula
B4P non-polymer BIS(ADENOSINE)-5'-TETRAPHOSPHATE 'C20 H28 N10 O19 P4'
MG non-polymer 'MAGNESIUM ION' 'Mg 2'
#
# COMPACT_ATOMS: atom_id res chain seq x y z
N TRP A 1 41.60 12.93 -20.50
CA TRP A 1 42.77 13.65 -20.02
C TRP A 1 42.62 15.15 -20.27
N GLU A 2 42.03 15.52 -21.41
CA GLU A 2 41.85 16.92 -21.74
C GLU A 2 40.61 17.50 -21.07
N SER A 3 39.56 16.69 -20.95
CA SER A 3 38.37 17.08 -20.18
C SER A 3 38.51 16.80 -18.70
N LYS A 4 39.71 16.50 -18.21
CA LYS A 4 39.97 16.26 -16.78
C LYS A 4 39.49 17.44 -15.94
N PHE A 5 39.68 18.69 -16.36
CA PHE A 5 39.37 19.86 -15.50
C PHE A 5 38.31 20.77 -16.11
N SER A 6 37.59 20.30 -17.13
CA SER A 6 36.58 21.12 -17.82
C SER A 6 35.39 21.49 -16.93
N LYS A 7 34.91 20.57 -16.11
CA LYS A 7 33.65 20.79 -15.36
C LYS A 7 33.73 21.87 -14.29
N GLU A 8 32.62 22.59 -14.11
CA GLU A 8 32.53 23.61 -13.07
C GLU A 8 31.41 23.24 -12.11
N GLY A 9 31.51 23.70 -10.88
CA GLY A 9 30.63 23.35 -9.78
C GLY A 9 30.24 24.51 -8.89
N LEU A 10 28.94 24.58 -8.56
CA LEU A 10 28.38 25.63 -7.74
C LEU A 10 27.80 25.07 -6.45
N THR A 11 28.04 25.76 -5.34
CA THR A 11 27.48 25.41 -4.05
C THR A 11 26.41 26.44 -3.66
N PHE A 12 25.84 26.26 -2.46
CA PHE A 12 24.74 27.11 -2.03
C PHE A 12 25.15 28.57 -1.97
N ASP A 13 26.35 28.85 -1.48
CA ASP A 13 26.79 30.23 -1.27
C ASP A 13 27.24 30.92 -2.55
N ASP A 14 27.25 30.22 -3.68
CA ASP A 14 27.60 30.83 -4.96
C ASP A 14 26.40 31.44 -5.68
N VAL A 15 25.18 31.15 -5.23
CA VAL A 15 23.98 31.52 -5.97
C VAL A 15 22.97 32.18 -5.04
N LEU A 16 22.11 32.98 -5.64
CA LEU A 16 20.93 33.53 -4.99
C LEU A 16 19.74 33.39 -5.93
N LEU A 17 18.55 33.28 -5.34
CA LEU A 17 17.34 33.22 -6.14
C LEU A 17 16.87 34.62 -6.50
N VAL A 18 16.39 34.77 -7.73
CA VAL A 18 16.00 36.06 -8.28
C VAL A 18 14.50 36.25 -8.08
N PRO A 19 14.07 37.40 -7.55
CA PRO A 19 12.63 37.64 -7.41
C PRO A 19 11.96 37.72 -8.77
N ALA A 20 10.73 37.22 -8.84
CA ALA A 20 9.92 37.28 -10.05
C ALA A 20 8.53 37.78 -9.67
N LYS A 21 7.69 38.00 -10.68
CA LYS A 21 6.32 38.42 -10.41
C LYS A 21 5.60 37.38 -9.55
N SER A 22 4.88 37.86 -8.54
CA SER A 22 4.26 36.98 -7.56
C SER A 22 2.79 37.33 -7.41
N GLU A 23 1.92 36.34 -7.51
CA GLU A 23 0.49 36.49 -7.27
C GLU A 23 0.04 35.75 -6.02
N VAL A 24 0.95 35.15 -5.27
CA VAL A 24 0.60 34.34 -4.12
C VAL A 24 1.44 34.79 -2.92
N LEU A 25 0.82 34.78 -1.75
CA LEU A 25 1.50 35.12 -0.51
C LEU A 25 2.23 33.89 0.02
N PRO A 26 3.28 34.09 0.81
CA PRO A 26 4.02 32.93 1.37
C PRO A 26 3.14 31.92 2.09
N ARG A 27 2.04 32.34 2.70
CA ARG A 27 1.21 31.40 3.45
C ARG A 27 0.31 30.57 2.56
N ASP A 28 -0.04 31.07 1.37
CA ASP A 28 -0.89 30.35 0.44
C ASP A 28 -0.09 29.49 -0.53
N VAL A 29 1.17 29.23 -0.24
CA VAL A 29 2.02 28.41 -1.09
C VAL A 29 1.80 26.94 -0.78
N ASP A 30 1.72 26.12 -1.82
CA ASP A 30 1.57 24.68 -1.68
C ASP A 30 2.94 24.02 -1.59
N LEU A 31 3.16 23.27 -0.51
CA LEU A 31 4.44 22.62 -0.25
C LEU A 31 4.40 21.12 -0.45
N SER A 32 3.35 20.60 -1.07
CA SER A 32 3.25 19.16 -1.30
C SER A 32 4.23 18.72 -2.38
N VAL A 33 4.72 17.49 -2.25
CA VAL A 33 5.64 16.92 -3.23
C VAL A 33 5.33 15.43 -3.37
N GLU A 34 5.29 14.96 -4.60
CA GLU A 34 4.97 13.58 -4.93
C GLU A 34 6.28 12.86 -5.29
N LEU A 35 6.87 12.18 -4.31
CA LEU A 35 8.12 11.46 -4.56
C LEU A 35 7.88 10.28 -5.48
N THR A 36 6.87 9.46 -5.19
CA THR A 36 6.39 8.42 -6.08
C THR A 36 4.86 8.45 -6.07
N LYS A 37 4.26 7.55 -6.86
CA LYS A 37 2.81 7.43 -6.86
C LYS A 37 2.26 7.04 -5.50
N THR A 38 3.07 6.43 -4.64
CA THR A 38 2.60 5.95 -3.35
C THR A 38 3.36 6.59 -2.18
N LEU A 39 4.17 7.62 -2.45
CA LEU A 39 4.93 8.32 -1.41
C LEU A 39 4.78 9.83 -1.67
N LYS A 40 3.80 10.44 -1.02
CA LYS A 40 3.51 11.86 -1.17
C LYS A 40 3.73 12.55 0.16
N LEU A 41 4.42 13.68 0.13
CA LEU A 41 4.61 14.52 1.30
C LEU A 41 3.82 15.82 1.15
N ASN A 42 3.50 16.44 2.29
CA ASN A 42 2.88 17.74 2.29
C ASN A 42 3.86 18.87 2.58
N ILE A 43 5.02 18.55 3.15
CA ILE A 43 6.16 19.46 3.21
C ILE A 43 7.35 18.69 2.67
N PRO A 44 8.29 19.34 1.99
CA PRO A 44 9.42 18.62 1.36
C PRO A 44 10.62 18.47 2.30
N VAL A 45 10.39 17.90 3.47
CA VAL A 45 11.42 17.71 4.48
C VAL A 45 11.44 16.25 4.91
N ILE A 46 12.65 15.68 5.01
CA ILE A 46 12.84 14.29 5.40
C ILE A 46 13.96 14.23 6.44
N SER A 47 13.69 13.58 7.57
CA SER A 47 14.71 13.39 8.58
C SER A 47 15.58 12.19 8.24
N ALA A 48 16.89 12.36 8.38
CA ALA A 48 17.85 11.39 7.85
C ALA A 48 17.85 10.10 8.66
N GLY A 49 18.23 9.01 7.99
CA GLY A 49 18.35 7.72 8.63
C GLY A 49 19.63 7.59 9.45
N MET A 50 19.82 8.48 10.40
CA MET A 50 20.98 8.48 11.27
C MET A 50 20.56 8.14 12.70
N ASP A 51 21.44 7.45 13.42
CA ASP A 51 21.14 7.04 14.79
C ASP A 51 21.06 8.22 15.75
N THR A 52 21.40 9.42 15.30
CA THR A 52 21.30 10.63 16.11
C THR A 52 20.11 11.50 15.72
N VAL A 53 19.28 11.05 14.79
CA VAL A 53 18.21 11.89 14.25
C VAL A 53 16.86 11.20 14.34
N THR A 54 16.71 10.04 13.69
CA THR A 54 15.40 9.47 13.40
C THR A 54 15.24 8.09 14.00
N GLU A 55 14.37 7.98 15.00
CA GLU A 55 13.74 6.72 15.38
C GLU A 55 12.23 6.92 15.32
N SER A 56 11.45 6.11 16.04
CA SER A 56 10.00 6.17 15.88
C SER A 56 9.44 7.52 16.31
N ALA A 57 10.02 8.15 17.34
CA ALA A 57 9.52 9.44 17.79
C ALA A 57 9.68 10.51 16.71
N MET A 58 10.86 10.57 16.10
CA MET A 58 11.10 11.56 15.06
C MET A 58 10.24 11.29 13.83
N ALA A 59 10.11 10.01 13.45
CA ALA A 59 9.33 9.66 12.27
C ALA A 59 7.87 10.05 12.43
N ILE A 60 7.33 9.89 13.64
CA ILE A 60 5.95 10.28 13.89
C ILE A 60 5.81 11.80 13.84
N ALA A 61 6.74 12.52 14.46
CA ALA A 61 6.69 13.98 14.43
C ALA A 61 6.85 14.51 13.01
N MET A 62 7.78 13.92 12.24
CA MET A 62 7.98 14.36 10.87
C MET A 62 6.74 14.11 10.02
N ALA A 63 6.17 12.92 10.11
CA ALA A 63 4.98 12.60 9.33
C ALA A 63 3.79 13.45 9.76
N ARG A 64 3.69 13.74 11.05
CA ARG A 64 2.59 14.58 11.54
C ARG A 64 2.61 15.96 10.93
N GLN A 65 3.81 16.49 10.62
CA GLN A 65 3.96 17.81 10.04
C GLN A 65 3.88 17.80 8.52
N GLY A 66 3.72 16.63 7.90
CA GLY A 66 3.68 16.52 6.45
C GLY A 66 4.94 16.00 5.81
N GLY A 67 5.96 15.70 6.59
CA GLY A 67 7.24 15.24 6.09
C GLY A 67 7.38 13.73 6.13
N LEU A 68 8.60 13.28 6.39
CA LEU A 68 8.92 11.86 6.37
C LEU A 68 10.13 11.61 7.24
N GLY A 69 10.12 10.48 7.95
CA GLY A 69 11.25 10.06 8.76
C GLY A 69 11.79 8.73 8.27
N ILE A 70 13.11 8.60 8.30
CA ILE A 70 13.79 7.38 7.87
C ILE A 70 14.41 6.73 9.11
N ILE A 71 13.84 5.62 9.55
CA ILE A 71 14.39 4.90 10.69
C ILE A 71 15.79 4.42 10.35
N HIS A 72 16.75 4.72 11.22
CA HIS A 72 18.13 4.37 10.95
C HIS A 72 18.36 2.88 11.08
N LYS A 73 19.49 2.42 10.55
CA LYS A 73 19.84 1.01 10.46
C LYS A 73 20.81 0.56 11.54
N ASN A 74 21.14 1.44 12.50
CA ASN A 74 22.05 1.09 13.59
C ASN A 74 21.27 0.39 14.71
N MET A 75 20.62 -0.71 14.33
CA MET A 75 19.85 -1.54 15.25
C MET A 75 19.55 -2.85 14.52
N SER A 76 19.11 -3.84 15.28
CA SER A 76 18.85 -5.15 14.70
C SER A 76 17.66 -5.08 13.76
N ILE A 77 17.53 -6.13 12.93
CA ILE A 77 16.42 -6.22 12.00
C ILE A 77 15.08 -6.22 12.75
N GLU A 78 15.05 -6.85 13.91
CA GLU A 78 13.81 -6.94 14.68
C GLU A 78 13.43 -5.58 15.27
N GLN A 79 14.40 -4.86 15.83
CA GLN A 79 14.09 -3.55 16.41
C GLN A 79 13.60 -2.57 15.35
N GLN A 80 14.25 -2.56 14.18
CA GLN A 80 13.88 -1.61 13.13
C GLN A 80 12.48 -1.87 12.61
N ALA A 81 12.10 -3.14 12.45
CA ALA A 81 10.74 -3.46 12.04
C ALA A 81 9.74 -3.04 13.11
N GLU A 82 10.14 -3.13 14.38
CA GLU A 82 9.27 -2.66 15.47
C GLU A 82 9.13 -1.15 15.42
N GLN A 83 10.21 -0.43 15.08
CA GLN A 83 10.13 1.02 14.97
C GLN A 83 9.20 1.43 13.84
N VAL A 84 9.29 0.76 12.70
CA VAL A 84 8.41 1.06 11.57
C VAL A 84 6.96 0.78 11.95
N ASP A 85 6.72 -0.38 12.57
CA ASP A 85 5.36 -0.73 13.00
C ASP A 85 4.82 0.26 14.02
N LYS A 86 5.68 0.81 14.87
CA LYS A 86 5.23 1.75 15.88
C LYS A 86 4.75 3.05 15.26
N VAL A 87 5.33 3.44 14.13
CA VAL A 87 4.87 4.64 13.42
C VAL A 87 3.58 4.35 12.65
N LYS A 88 3.51 3.19 12.00
CA LYS A 88 2.35 2.86 11.17
C LYS A 88 1.09 2.72 12.00
N ARG A 89 1.22 2.28 13.25
CA ARG A 89 0.07 2.05 14.12
C ARG A 89 -0.32 3.28 14.92
N SER A 90 0.42 4.37 14.81
CA SER A 90 0.15 5.56 15.60
C SER A 90 -1.03 6.35 15.02
N GLU A 91 -1.46 7.36 15.78
CA GLU A 91 -2.62 8.18 15.46
C GLU A 91 -3.89 7.36 15.31
N ARG A 92 -3.94 6.20 15.96
CA ARG A 92 -5.18 5.44 16.04
C ARG A 92 -6.08 5.94 17.16
N GLY A 93 -5.55 6.75 18.08
CA GLY A 93 -6.29 7.24 19.22
C GLY A 93 -6.51 6.23 20.31
N ILE A 94 -4.83 2.77 22.62
CA ILE A 94 -3.62 2.10 23.07
C ILE A 94 -4.02 0.70 23.52
N THR A 95 -3.63 -0.32 22.74
CA THR A 95 -3.98 -1.69 23.07
C THR A 95 -3.06 -2.29 24.13
N ASN A 96 -1.82 -1.78 24.23
CA ASN A 96 -0.84 -2.27 25.21
C ASN A 96 -0.39 -1.10 26.07
N PRO A 97 -1.17 -0.73 27.08
CA PRO A 97 -0.77 0.33 27.99
C PRO A 97 0.05 -0.21 29.17
N PHE A 98 0.75 0.71 29.82
CA PHE A 98 1.52 0.36 31.01
C PHE A 98 0.58 0.01 32.16
N PHE A 99 1.02 -0.92 33.01
CA PHE A 99 0.16 -1.46 34.04
C PHE A 99 0.94 -1.67 35.34
N LEU A 100 0.21 -1.60 36.45
CA LEU A 100 0.73 -1.95 37.77
C LEU A 100 -0.34 -2.72 38.54
N THR A 101 0.03 -3.22 39.71
CA THR A 101 -0.84 -3.97 40.59
C THR A 101 -0.93 -3.28 41.94
N PRO A 102 -1.95 -3.59 42.75
CA PRO A 102 -2.05 -2.95 44.08
C PRO A 102 -0.88 -3.26 45.01
N ASP A 103 -0.01 -4.21 44.66
CA ASP A 103 1.14 -4.52 45.51
C ASP A 103 2.27 -3.50 45.34
N HIS A 104 2.33 -2.82 44.21
CA HIS A 104 3.43 -1.91 43.93
C HIS A 104 3.28 -0.62 44.74
N GLN A 105 4.34 0.18 44.73
CA GLN A 105 4.40 1.44 45.46
C GLN A 105 4.36 2.61 44.48
N VAL A 106 3.97 3.79 45.00
CA VAL A 106 3.83 4.95 44.14
C VAL A 106 5.17 5.34 43.52
N PHE A 107 6.28 5.02 44.19
CA PHE A 107 7.60 5.25 43.60
C PHE A 107 7.75 4.52 42.27
N ASP A 108 7.16 3.33 42.15
CA ASP A 108 7.19 2.63 40.87
C ASP A 108 6.40 3.41 39.82
N ALA A 109 5.22 3.92 40.19
CA ALA A 109 4.41 4.69 39.26
C ALA A 109 5.14 5.98 38.80
N GLU A 110 5.64 6.80 39.72
CA GLU A 110 6.26 8.07 39.30
C GLU A 110 7.40 7.83 38.30
N HIS A 111 8.17 6.77 38.49
CA HIS A 111 9.32 6.55 37.62
C HIS A 111 8.86 6.05 36.26
N LEU A 112 7.86 5.16 36.26
CA LEU A 112 7.22 4.79 35.01
C LEU A 112 6.61 6.00 34.32
N MET A 113 6.11 6.97 35.09
CA MET A 113 5.59 8.20 34.49
C MET A 113 6.71 9.07 33.93
N GLY A 114 7.80 9.24 34.69
CA GLY A 114 8.87 10.12 34.24
C GLY A 114 9.57 9.63 32.99
N LYS A 115 9.56 8.31 32.77
CA LYS A 115 10.29 7.74 31.64
C LYS A 115 9.57 7.97 30.32
N ARG A 116 6.78 9.88 29.89
CA ARG A 116 5.98 11.10 29.93
C ARG A 116 4.48 10.83 29.94
N ILE A 117 4.08 9.64 30.38
CA ILE A 117 2.66 9.33 30.53
C ILE A 117 2.18 9.85 31.87
N SER A 118 0.88 10.16 31.94
CA SER A 118 0.29 10.76 33.13
C SER A 118 -0.71 9.86 33.83
N GLY A 119 -0.94 8.66 33.32
CA GLY A 119 -1.89 7.73 33.94
C GLY A 119 -1.45 6.29 33.83
N VAL A 120 -1.62 5.52 34.91
CA VAL A 120 -1.17 4.13 34.94
C VAL A 120 -2.30 3.24 35.45
N PRO A 121 -3.02 2.53 34.58
CA PRO A 121 -4.11 1.67 35.05
C PRO A 121 -3.60 0.52 35.91
N ILE A 122 -4.36 0.22 36.96
CA ILE A 122 -3.99 -0.81 37.93
C ILE A 122 -4.81 -2.06 37.65
N GLU A 123 -3.34 -9.40 38.03
CA GLU A 123 -2.10 -9.16 37.31
C GLU A 123 -2.19 -9.67 35.88
N GLU A 124 -1.76 -10.92 35.65
CA GLU A 124 -1.80 -11.49 34.31
C GLU A 124 -3.24 -11.63 33.82
N ASP A 125 -4.15 -12.04 34.69
CA ASP A 125 -5.55 -12.19 34.32
C ASP A 125 -6.22 -10.82 34.19
N LEU A 126 -9.09 -5.03 35.86
CA LEU A 126 -8.88 -3.64 36.24
C LEU A 126 -9.41 -3.37 37.64
N VAL A 127 -8.59 -2.75 38.48
CA VAL A 127 -8.95 -2.49 39.87
C VAL A 127 -8.94 -0.99 40.13
N GLY A 128 -8.05 -0.27 39.48
CA GLY A 128 -7.94 1.16 39.75
C GLY A 128 -7.22 1.91 38.66
N ILE A 129 -6.91 3.17 38.96
CA ILE A 129 -6.19 4.06 38.06
C ILE A 129 -5.43 5.06 38.92
N ILE A 130 -4.17 5.31 38.57
CA ILE A 130 -3.34 6.27 39.29
C ILE A 130 -2.78 7.27 38.28
N THR A 131 -2.86 8.55 38.63
CA THR A 131 -2.52 9.64 37.71
C THR A 131 -1.60 10.64 38.42
N ASN A 132 -1.23 11.68 37.68
CA ASN A 132 -0.29 12.67 38.21
C ASN A 132 -0.93 13.52 39.31
N ARG A 133 -2.19 13.95 39.11
CA ARG A 133 -2.83 14.77 40.12
C ARG A 133 -3.09 13.98 41.40
N ASP A 134 -3.30 12.67 41.29
CA ASP A 134 -3.37 11.83 42.49
C ASP A 134 -2.07 11.90 43.27
N LEU A 135 -0.94 12.09 42.57
CA LEU A 135 0.35 12.16 43.24
C LEU A 135 0.54 13.46 44.02
N ARG A 136 -0.23 14.51 43.73
CA ARG A 136 -0.11 15.81 44.42
C ARG A 136 -0.59 15.69 45.87
N PHE A 137 -1.63 14.89 46.14
CA PHE A 137 -2.18 14.65 47.46
C PHE A 137 -1.42 13.57 48.24
N ILE A 138 -0.28 13.12 47.72
CA ILE A 138 0.59 12.19 48.45
C ILE A 138 1.95 12.83 48.66
N SER A 139 6.76 10.72 49.88
CA SER A 139 5.58 9.99 50.35
C SER A 139 5.24 8.85 49.40
N MET A 140 6.24 8.05 49.03
CA MET A 140 6.03 7.03 48.00
C MET A 140 5.04 5.97 48.44
N LYS A 141 4.96 5.68 49.75
CA LYS A 141 3.89 4.87 50.31
C LYS A 141 3.69 3.56 49.55
N ILE A 142 2.46 3.38 49.04
CA ILE A 142 2.00 2.17 48.37
C ILE A 142 0.86 2.58 47.44
N SER A 143 0.76 1.89 46.29
CA SER A 143 -0.10 2.35 45.21
C SER A 143 -1.56 1.97 45.41
N ASP A 144 -1.85 1.18 46.44
CA ASP A 144 -3.25 0.71 46.67
C ASP A 144 -4.15 1.86 47.13
N VAL A 145 -3.58 2.96 47.61
CA VAL A 145 -4.42 4.16 47.92
C VAL A 145 -4.54 4.96 46.62
N MET A 146 -5.26 4.44 45.63
CA MET A 146 -5.35 5.09 44.30
C MET A 146 -6.79 5.47 44.04
N THR A 147 -7.20 5.66 42.79
CA THR A 147 -8.62 5.91 42.43
C THR A 147 -9.22 4.53 42.20
N LYS A 148 -9.87 3.94 43.21
CA LYS A 148 -10.32 2.54 43.13
C LYS A 148 -11.85 2.40 43.02
N GLU A 149 -12.63 3.24 43.68
CA GLU A 149 -14.11 3.08 43.68
C GLU A 149 -14.71 3.81 42.47
N GLU A 150 -14.40 5.07 42.28
CA GLU A 150 -15.03 5.90 41.21
C GLU A 150 -14.40 5.55 39.86
N LEU A 151 -14.59 4.33 39.35
CA LEU A 151 -13.86 3.95 38.11
C LEU A 151 -14.74 4.08 36.88
N VAL A 152 -14.38 4.96 35.94
CA VAL A 152 -15.12 5.15 34.67
C VAL A 152 -14.38 4.36 33.60
N THR A 153 -15.01 3.32 33.06
CA THR A 153 -14.40 2.46 32.03
C THR A 153 -15.37 2.39 30.86
N ALA A 154 -14.88 2.07 29.66
CA ALA A 154 -15.72 1.98 28.46
C ALA A 154 -15.61 0.59 27.88
N SER A 155 -16.42 0.24 26.88
CA SER A 155 -16.23 -1.04 26.23
C SER A 155 -15.20 -0.92 25.11
N VAL A 156 -14.61 -2.06 24.75
CA VAL A 156 -13.71 -2.12 23.61
C VAL A 156 -14.52 -1.94 22.33
N GLY A 157 -14.24 -0.87 21.60
CA GLY A 157 -15.03 -0.52 20.41
C GLY A 157 -15.70 0.81 20.59
N THR A 158 -15.69 1.36 21.79
CA THR A 158 -16.24 2.71 22.06
C THR A 158 -15.57 3.69 21.09
N THR A 159 -16.36 4.52 20.41
CA THR A 159 -15.88 5.48 19.40
C THR A 159 -15.25 6.69 20.09
N LEU A 160 -14.40 7.41 19.37
CA LEU A 160 -13.76 8.61 19.95
C LEU A 160 -14.88 9.56 20.36
N ASP A 161 -15.89 9.72 19.51
CA ASP A 161 -17.06 10.56 19.84
C ASP A 161 -17.63 9.99 21.13
N GLU A 162 -17.68 8.66 21.25
CA GLU A 162 -18.12 7.99 22.51
C GLU A 162 -16.92 8.19 23.43
N ALA A 163 -16.51 9.43 23.54
CA ALA A 163 -15.35 9.81 24.36
C ALA A 163 -15.20 11.28 24.05
N GLU A 164 -14.27 11.99 24.67
CA GLU A 164 -14.27 13.46 24.48
C GLU A 164 -15.63 13.83 25.04
N LYS A 165 -16.35 12.84 25.57
CA LYS A 165 -17.72 13.06 26.04
C LYS A 165 -17.85 12.32 27.35
N ILE A 166 -17.59 11.01 27.38
CA ILE A 166 -17.57 10.29 28.68
C ILE A 166 -16.54 11.03 29.52
N LEU A 167 -15.45 11.46 28.89
CA LEU A 167 -14.37 12.18 29.60
C LEU A 167 -14.87 13.54 30.05
N GLN A 168 -15.58 14.28 29.21
CA GLN A 168 -16.00 15.65 29.55
C GLN A 168 -17.06 15.58 30.63
N LYS A 169 -17.80 14.47 30.70
CA LYS A 169 -18.89 14.30 31.67
C LYS A 169 -18.32 14.01 33.03
N HIS A 170 -17.39 13.07 33.12
CA HIS A 170 -16.79 12.66 34.41
C HIS A 170 -15.57 13.54 34.69
N LYS A 171 -15.33 14.55 33.87
CA LYS A 171 -14.16 15.44 34.01
C LYS A 171 -12.94 14.56 34.33
N ILE A 172 -12.62 13.62 33.44
CA ILE A 172 -11.48 12.74 33.58
C ILE A 172 -10.78 12.71 32.23
N GLU A 173 -9.48 12.49 32.19
CA GLU A 173 -8.77 12.57 30.87
C GLU A 173 -8.36 11.17 30.41
N LYS A 174 -8.60 10.15 31.24
CA LYS A 174 -8.23 8.80 30.87
C LYS A 174 -9.47 7.92 30.86
N LEU A 175 -9.54 6.99 29.92
CA LEU A 175 -10.68 6.09 29.78
C LEU A 175 -10.18 4.70 29.44
N PRO A 176 -10.00 3.82 30.43
CA PRO A 176 -9.58 2.45 30.13
C PRO A 176 -10.64 1.68 29.38
N LEU A 177 -10.20 0.74 28.54
CA LEU A 177 -11.07 -0.04 27.68
C LEU A 177 -11.04 -1.49 28.14
N VAL A 178 -11.85 -1.80 29.15
CA VAL A 178 -11.99 -3.17 29.61
C VAL A 178 -13.03 -3.90 28.77
N GLY A 179 -7.50 -1.88 27.14
CA GLY A 179 -7.03 -0.79 26.30
C GLY A 179 -7.07 0.57 26.97
N LEU A 180 -6.72 1.61 26.21
CA LEU A 180 -6.69 2.99 26.71
C LEU A 180 -6.91 4.00 25.60
N ILE A 181 -7.82 4.93 25.87
CA ILE A 181 -8.04 6.10 25.05
C ILE A 181 -7.83 7.29 25.98
N THR A 182 -6.92 8.19 25.63
CA THR A 182 -6.68 9.31 26.53
C THR A 182 -7.50 10.50 26.02
N ILE A 183 -7.13 11.71 26.42
CA ILE A 183 -7.71 12.89 25.80
C ILE A 183 -6.68 13.55 24.90
N LYS A 184 -5.38 13.46 25.26
CA LYS A 184 -4.37 13.84 24.27
C LYS A 184 -4.47 12.95 23.05
N ASP A 185 -4.79 11.66 23.26
CA ASP A 185 -4.97 10.74 22.15
C ASP A 185 -6.06 11.22 21.21
N ILE A 186 -7.15 11.77 21.75
CA ILE A 186 -8.23 12.21 20.87
C ILE A 186 -7.85 13.51 20.17
N GLU A 187 -7.20 14.43 20.89
CA GLU A 187 -6.94 15.74 20.31
C GLU A 187 -5.78 15.73 19.31
N LYS A 188 -4.77 14.88 19.48
CA LYS A 188 -3.75 14.77 18.44
C LYS A 188 -4.27 14.18 17.13
N VAL A 189 -5.48 13.61 17.11
CA VAL A 189 -6.06 13.16 15.85
C VAL A 189 -6.61 14.32 15.04
N ILE A 190 -6.66 15.52 15.63
CA ILE A 190 -7.14 16.70 14.90
C ILE A 190 -6.04 17.75 14.73
N GLU A 191 -5.00 17.75 15.57
CA GLU A 191 -4.02 18.83 15.58
C GLU A 191 -3.16 18.88 14.33
N PHE A 192 -3.10 17.80 13.56
CA PHE A 192 -2.14 17.67 12.46
C PHE A 192 -2.86 17.36 11.16
N PRO A 193 -3.50 18.37 10.57
CA PRO A 193 -4.24 18.13 9.31
C PRO A 193 -3.33 17.94 8.11
N ASN A 194 -2.08 18.36 8.18
CA ASN A 194 -1.13 18.20 7.07
C ASN A 194 -0.37 16.89 7.12
N SER A 195 -0.77 15.97 8.01
CA SER A 195 -0.02 14.73 8.19
C SER A 195 0.03 13.94 6.89
N SER A 196 1.25 13.53 6.52
CA SER A 196 1.44 12.70 5.34
C SER A 196 1.09 11.25 5.67
N LYS A 197 0.21 10.66 4.86
CA LYS A 197 -0.32 9.34 5.16
C LYS A 197 -0.36 8.48 3.90
N ASP A 198 -0.44 7.18 4.10
CA ASP A 198 -0.62 6.25 3.00
C ASP A 198 -2.10 6.23 2.60
N ILE A 199 -2.44 5.34 1.66
CA ILE A 199 -3.81 5.30 1.14
C ILE A 199 -4.79 4.80 2.20
N HIS A 200 -4.31 4.16 3.25
CA HIS A 200 -5.17 3.69 4.33
C HIS A 200 -5.15 4.62 5.54
N GLY A 201 -4.59 5.82 5.40
CA GLY A 201 -4.64 6.80 6.48
C GLY A 201 -3.62 6.62 7.57
N ARG A 202 -2.64 5.74 7.40
CA ARG A 202 -1.58 5.57 8.38
C ARG A 202 -0.40 6.48 8.04
N LEU A 203 0.28 6.95 9.09
CA LEU A 203 1.46 7.79 8.90
C LEU A 203 2.52 7.03 8.09
N ILE A 204 3.10 7.71 7.11
CA ILE A 204 4.16 7.11 6.32
C ILE A 204 5.45 7.06 7.13
N VAL A 205 6.34 6.14 6.75
CA VAL A 205 7.63 5.99 7.42
C VAL A 205 8.58 5.29 6.47
N GLY A 206 9.86 5.59 6.62
CA GLY A 206 10.90 4.95 5.82
C GLY A 206 11.94 4.28 6.70
N ALA A 207 12.71 3.35 6.11
CA ALA A 207 13.70 2.60 6.87
C ALA A 207 14.99 2.50 6.07
N ALA A 208 16.11 2.56 6.78
CA ALA A 208 17.43 2.58 6.14
C ALA A 208 17.95 1.16 5.91
N VAL A 209 18.52 0.94 4.73
CA VAL A 209 19.14 -0.32 4.35
C VAL A 209 20.52 -0.04 3.76
N GLY A 210 21.50 -0.84 4.16
CA GLY A 210 22.81 -0.83 3.57
C GLY A 210 22.97 -1.92 2.53
N VAL A 211 24.22 -2.25 2.24
CA VAL A 211 24.52 -3.34 1.31
C VAL A 211 25.37 -4.36 2.04
N THR A 212 24.71 -5.22 2.82
CA THR A 212 25.44 -6.24 3.58
C THR A 212 24.88 -7.60 3.21
N GLY A 213 25.20 -8.62 4.02
CA GLY A 213 24.69 -9.95 3.76
C GLY A 213 23.25 -10.15 4.15
N ASP A 214 22.78 -9.45 5.19
CA ASP A 214 21.45 -9.68 5.74
C ASP A 214 20.43 -8.62 5.35
N THR A 215 20.77 -7.73 4.41
CA THR A 215 19.83 -6.66 4.08
C THR A 215 18.59 -7.18 3.37
N MET A 216 18.71 -8.31 2.66
CA MET A 216 17.53 -8.93 2.07
C MET A 216 16.57 -9.40 3.15
N THR A 217 17.10 -9.94 4.25
CA THR A 217 16.24 -10.29 5.38
C THR A 217 15.73 -9.05 6.09
N ARG A 218 16.55 -8.00 6.14
CA ARG A 218 16.12 -6.74 6.76
C ARG A 218 14.97 -6.12 5.96
N VAL A 219 15.11 -6.06 4.63
CA VAL A 219 14.03 -5.53 3.80
C VAL A 219 12.78 -6.37 3.96
N LYS A 220 12.94 -7.69 4.10
CA LYS A 220 11.80 -8.59 4.24
C LYS A 220 10.96 -8.22 5.46
N LYS A 221 11.61 -8.03 6.61
CA LYS A 221 10.87 -7.70 7.83
C LYS A 221 10.31 -6.29 7.79
N LEU A 222 11.06 -5.35 7.21
CA LEU A 222 10.56 -3.98 7.09
C LEU A 222 9.33 -3.93 6.20
N VAL A 223 9.36 -4.65 5.08
CA VAL A 223 8.16 -4.75 4.23
C VAL A 223 7.03 -5.41 5.01
N GLU A 224 7.34 -6.44 5.79
CA GLU A 224 6.32 -7.08 6.63
C GLU A 224 5.81 -6.14 7.70
N ALA A 225 6.55 -5.08 8.03
CA ALA A 225 6.10 -4.06 8.96
C ALA A 225 5.37 -2.91 8.26
N ASN A 226 5.06 -3.07 6.97
CA ASN A 226 4.31 -2.09 6.20
C ASN A 226 5.07 -0.77 6.05
N VAL A 227 6.40 -0.88 5.89
CA VAL A 227 7.19 0.32 5.63
C VAL A 227 6.79 0.89 4.27
N ASP A 228 6.79 2.22 4.17
CA ASP A 228 6.35 2.87 2.95
C ASP A 228 7.47 3.03 1.92
N VAL A 229 8.72 3.13 2.38
CA VAL A 229 9.84 3.32 1.47
C VAL A 229 11.09 2.76 2.13
N ILE A 230 11.94 2.13 1.32
CA ILE A 230 13.23 1.62 1.76
C ILE A 230 14.32 2.53 1.21
N VAL A 231 15.22 2.97 2.08
CA VAL A 231 16.33 3.83 1.70
C VAL A 231 17.59 2.98 1.69
N ILE A 232 18.03 2.60 0.50
CA ILE A 232 19.32 1.93 0.32
C ILE A 232 20.39 3.01 0.41
N ASP A 233 21.07 3.09 1.56
CA ASP A 233 21.90 4.24 1.91
C ASP A 233 23.36 3.81 1.94
N THR A 234 24.16 4.34 1.00
CA THR A 234 25.58 4.06 0.94
C THR A 234 26.34 5.35 0.65
N ALA A 235 27.66 5.31 0.92
CA ALA A 235 28.51 6.47 0.64
C ALA A 235 28.72 6.67 -0.85
N HIS A 236 28.63 5.61 -1.64
CA HIS A 236 28.85 5.69 -3.09
C HIS A 236 27.88 4.74 -3.78
N GLY A 237 26.74 5.27 -4.23
CA GLY A 237 25.73 4.45 -4.86
C GLY A 237 26.05 4.04 -6.29
N HIS A 238 27.03 4.70 -6.92
CA HIS A 238 27.45 4.33 -8.26
C HIS A 238 28.36 3.10 -8.26
N SER A 239 28.45 2.39 -7.14
CA SER A 239 29.15 1.13 -7.08
C SER A 239 28.27 0.00 -7.62
N GLN A 240 28.91 -1.06 -8.11
CA GLN A 240 28.16 -2.17 -8.67
C GLN A 240 27.38 -2.93 -7.59
N GLY A 241 27.89 -2.97 -6.36
CA GLY A 241 27.17 -3.64 -5.30
C GLY A 241 25.84 -2.99 -4.99
N VAL A 242 25.82 -1.65 -4.95
CA VAL A 242 24.56 -0.93 -4.74
C VAL A 242 23.59 -1.21 -5.89
N LEU A 243 24.08 -1.12 -7.12
CA LEU A 243 23.22 -1.34 -8.29
C LEU A 243 22.62 -2.74 -8.26
N ASN A 244 23.42 -3.75 -7.90
CA ASN A 244 22.88 -5.11 -7.81
C ASN A 244 21.87 -5.23 -6.68
N THR A 245 22.14 -4.59 -5.54
CA THR A 245 21.19 -4.65 -4.42
C THR A 245 19.89 -3.95 -4.76
N VAL A 246 19.96 -2.83 -5.49
CA VAL A 246 18.74 -2.14 -5.92
C VAL A 246 17.92 -3.05 -6.82
N THR A 247 18.57 -3.72 -7.78
CA THR A 247 17.85 -4.55 -8.72
C THR A 247 17.25 -5.78 -8.03
N LYS A 248 18.00 -6.40 -7.11
CA LYS A 248 17.49 -7.58 -6.44
C LYS A 248 16.27 -7.24 -5.58
N ILE A 249 16.28 -6.06 -4.95
CA ILE A 249 15.13 -5.64 -4.15
C ILE A 249 13.95 -5.29 -5.04
N ARG A 250 14.20 -4.63 -6.17
CA ARG A 250 13.13 -4.31 -7.11
C ARG A 250 12.46 -5.57 -7.64
N GLU A 251 13.27 -6.54 -8.06
CA GLU A 251 12.72 -7.77 -8.64
C GLU A 251 11.97 -8.60 -7.60
N THR A 252 12.39 -8.52 -6.33
CA THR A 252 11.69 -9.25 -5.28
C THR A 252 10.41 -8.53 -4.86
N TYR A 253 10.44 -7.21 -4.79
CA TYR A 253 9.31 -6.39 -4.35
C TYR A 253 9.07 -5.32 -5.41
N PRO A 254 8.32 -5.64 -6.47
CA PRO A 254 8.20 -4.72 -7.61
C PRO A 254 7.55 -3.38 -7.28
N GLU A 255 6.62 -3.33 -6.34
CA GLU A 255 5.89 -2.10 -6.04
C GLU A 255 6.40 -1.39 -4.80
N LEU A 256 7.48 -1.87 -4.20
CA LEU A 256 8.04 -1.20 -3.03
C LEU A 256 8.78 0.07 -3.45
N ASN A 257 8.55 1.15 -2.71
CA ASN A 257 9.25 2.41 -2.97
C ASN A 257 10.71 2.28 -2.52
N ILE A 258 11.63 2.70 -3.38
CA ILE A 258 13.06 2.57 -3.12
C ILE A 258 13.73 3.93 -3.30
N ILE A 259 14.49 4.33 -2.30
CA ILE A 259 15.35 5.54 -2.41
C ILE A 259 16.77 4.98 -2.42
N ALA A 260 17.62 5.43 -3.33
CA ALA A 260 18.97 4.87 -3.47
C ALA A 260 20.11 5.80 -3.04
N GLY A 261 21.25 5.23 -2.67
CA GLY A 261 22.38 5.91 -2.00
C GLY A 261 23.05 7.04 -2.69
N ASN A 262 23.70 7.89 -1.91
CA ASN A 262 24.31 9.15 -2.41
C ASN A 262 25.08 9.05 -3.72
N VAL A 263 24.69 9.88 -4.68
CA VAL A 263 25.35 10.01 -5.99
C VAL A 263 25.38 11.52 -6.27
N ALA A 264 26.15 11.94 -7.26
CA ALA A 264 26.28 13.38 -7.52
C ALA A 264 26.49 13.64 -9.01
N THR A 265 26.27 12.64 -9.85
CA THR A 265 26.40 12.87 -11.28
C THR A 265 25.16 12.34 -11.99
N ALA A 266 24.91 12.90 -13.17
CA ALA A 266 23.80 12.40 -13.99
C ALA A 266 23.99 10.94 -14.35
N GLU A 267 25.24 10.54 -14.65
CA GLU A 267 25.52 9.15 -15.02
C GLU A 267 25.15 8.20 -13.89
N ALA A 268 25.51 8.55 -12.66
CA ALA A 268 25.14 7.71 -11.52
C ALA A 268 23.64 7.72 -11.29
N THR A 269 23.00 8.87 -11.49
CA THR A 269 21.54 8.95 -11.34
C THR A 269 20.85 8.03 -12.34
N ARG A 270 21.36 7.96 -13.58
CA ARG A 270 20.79 7.06 -14.57
C ARG A 270 21.02 5.61 -14.19
N ALA A 271 22.19 5.29 -13.65
CA ALA A 271 22.47 3.91 -13.25
C ALA A 271 21.52 3.46 -12.15
N LEU A 272 21.32 4.31 -11.14
CA LEU A 272 20.42 3.96 -10.05
C LEU A 272 18.99 3.81 -10.53
N ILE A 273 18.56 4.67 -11.46
CA ILE A 273 17.22 4.56 -11.99
C ILE A 273 17.06 3.29 -12.82
N GLU A 274 18.06 2.99 -13.65
CA GLU A 274 18.00 1.77 -14.48
C GLU A 274 18.07 0.52 -13.63
N ALA A 275 18.71 0.59 -12.46
CA ALA A 275 18.74 -0.56 -11.56
C ALA A 275 17.39 -0.80 -10.89
N GLY A 276 16.55 0.23 -10.78
CA GLY A 276 15.22 0.05 -10.25
C GLY A 276 14.85 1.00 -9.12
N ALA A 277 15.64 2.03 -8.90
CA ALA A 277 15.36 2.99 -7.85
C ALA A 277 14.25 3.95 -8.27
N ASP A 278 13.35 4.24 -7.33
CA ASP A 278 12.31 5.25 -7.59
C ASP A 278 12.83 6.65 -7.34
N VAL A 279 13.57 6.85 -6.25
CA VAL A 279 14.08 8.15 -5.85
C VAL A 279 15.58 8.05 -5.67
N VAL A 280 16.30 9.06 -6.15
CA VAL A 280 17.76 9.11 -6.05
C VAL A 280 18.14 10.18 -5.04
N LYS A 281 18.92 9.79 -4.04
CA LYS A 281 19.40 10.72 -3.02
C LYS A 281 20.75 11.28 -3.45
N VAL A 282 20.89 12.60 -3.38
CA VAL A 282 22.02 13.30 -3.98
C VAL A 282 22.85 13.95 -2.89
N GLY A 283 24.16 13.76 -2.95
CA GLY A 283 25.07 14.35 -1.98
C GLY A 283 26.35 13.59 -1.77
N ILE A 284 27.42 14.01 -2.43
CA ILE A 284 28.76 13.43 -2.24
C ILE A 284 29.68 14.57 -1.83
N GLY A 285 30.10 14.58 -0.56
CA GLY A 285 30.92 15.63 -0.02
C GLY A 285 30.34 17.02 -0.25
N PRO A 286 29.13 17.26 0.26
CA PRO A 286 28.47 18.55 0.01
C PRO A 286 28.99 19.65 0.92
N ILE A 287 34.19 21.54 4.01
CA ILE A 287 35.44 20.92 4.46
C ILE A 287 35.12 19.62 5.17
N CYS A 288 34.15 18.86 4.65
CA CYS A 288 33.75 17.60 5.24
C CYS A 288 34.85 16.55 5.04
N THR A 289 34.56 15.31 5.47
CA THR A 289 35.59 14.28 5.52
C THR A 289 35.98 13.87 4.11
N THR A 290 34.98 13.60 3.27
CA THR A 290 35.18 13.08 1.92
C THR A 290 36.14 13.96 1.14
N ARG A 291 36.06 15.28 1.32
CA ARG A 291 36.96 16.18 0.61
C ARG A 291 38.36 16.14 1.20
N VAL A 292 38.46 16.20 2.53
CA VAL A 292 39.77 16.24 3.18
C VAL A 292 40.46 14.89 3.09
N VAL A 293 39.71 13.81 3.29
CA VAL A 293 40.31 12.48 3.36
C VAL A 293 40.55 11.91 1.96
N ALA A 294 39.53 11.97 1.09
CA ALA A 294 39.60 11.32 -0.21
C ALA A 294 39.83 12.28 -1.36
N GLY A 295 39.65 13.59 -1.16
CA GLY A 295 39.75 14.52 -2.26
C GLY A 295 38.57 14.49 -3.20
N VAL A 296 37.46 13.88 -2.79
CA VAL A 296 36.30 13.67 -3.64
C VAL A 296 35.17 14.58 -3.16
N GLY A 297 34.40 15.11 -4.10
CA GLY A 297 33.24 15.92 -3.77
C GLY A 297 32.61 16.58 -4.97
N VAL A 298 31.35 17.00 -4.84
CA VAL A 298 30.66 17.76 -5.87
C VAL A 298 29.90 18.90 -5.19
N PRO A 299 30.10 20.14 -5.61
CA PRO A 299 29.30 21.24 -5.05
C PRO A 299 27.82 20.97 -5.22
N GLN A 300 27.08 21.14 -4.12
CA GLN A 300 25.76 20.51 -4.00
C GLN A 300 24.76 21.09 -5.00
N ILE A 301 24.83 22.38 -5.28
CA ILE A 301 23.88 22.98 -6.23
C ILE A 301 24.06 22.35 -7.62
N THR A 302 25.31 22.21 -8.05
CA THR A 302 25.59 21.53 -9.31
C THR A 302 25.13 20.07 -9.26
N ALA A 303 25.36 19.40 -8.13
CA ALA A 303 24.95 18.01 -7.99
C ALA A 303 23.43 17.88 -8.12
N ILE A 304 22.69 18.71 -7.39
CA ILE A 304 21.23 18.66 -7.45
C ILE A 304 20.74 18.88 -8.87
N TYR A 305 21.27 19.92 -9.54
CA TYR A 305 20.78 20.27 -10.86
C TYR A 305 21.09 19.18 -11.89
N ASP A 306 22.32 18.65 -11.85
CA ASP A 306 22.69 17.62 -12.82
C ASP A 306 21.92 16.33 -12.59
N CYS A 307 21.72 15.95 -11.32
CA CYS A 307 20.97 14.74 -11.03
C CYS A 307 19.48 14.94 -11.26
N ALA A 308 18.95 16.13 -10.97
CA ALA A 308 17.55 16.39 -11.26
C ALA A 308 17.28 16.37 -12.76
N THR A 309 18.17 16.97 -13.54
CA THR A 309 18.00 16.98 -15.00
C THR A 309 17.90 15.55 -15.54
N GLU A 310 18.78 14.66 -15.08
CA GLU A 310 18.75 13.28 -15.54
C GLU A 310 17.51 12.56 -15.03
N ALA A 311 17.16 12.77 -13.75
CA ALA A 311 16.07 12.02 -13.15
C ALA A 311 14.72 12.33 -13.79
N ARG A 312 14.50 13.58 -14.22
CA ARG A 312 13.18 13.91 -14.75
C ARG A 312 13.05 13.57 -16.22
N LYS A 313 14.15 13.20 -16.90
CA LYS A 313 14.04 12.52 -18.17
C LYS A 313 13.28 11.20 -18.02
N HIS A 314 13.49 10.51 -16.90
CA HIS A 314 12.87 9.23 -16.61
C HIS A 314 11.63 9.36 -15.75
N GLY A 315 11.23 10.59 -15.41
CA GLY A 315 10.06 10.79 -14.57
C GLY A 315 10.26 10.49 -13.11
N LYS A 316 11.51 10.49 -12.63
CA LYS A 316 11.83 10.10 -11.26
C LYS A 316 12.19 11.34 -10.43
N THR A 317 12.45 11.09 -9.14
CA THR A 317 12.55 12.10 -8.11
C THR A 317 13.94 12.13 -7.49
N ILE A 318 14.34 13.32 -7.03
CA ILE A 318 15.62 13.57 -6.38
C ILE A 318 15.38 14.01 -4.95
N ILE A 319 16.21 13.52 -4.03
CA ILE A 319 16.27 13.98 -2.65
C ILE A 319 17.62 14.66 -2.44
N ALA A 320 17.59 15.89 -1.92
CA ALA A 320 18.81 16.65 -1.68
C ALA A 320 19.28 16.40 -0.25
N ASP A 321 20.29 15.52 -0.11
CA ASP A 321 20.88 15.19 1.18
C ASP A 321 22.28 15.82 1.22
N GLY A 322 22.42 16.92 1.94
CA GLY A 322 23.71 17.55 2.04
C GLY A 322 23.73 18.77 2.94
N GLY A 323 24.60 19.71 2.57
CA GLY A 323 24.96 20.82 3.42
C GLY A 323 23.97 21.97 3.48
N ILE A 324 22.74 21.68 3.88
CA ILE A 324 21.77 22.73 4.15
C ILE A 324 22.00 23.26 5.56
N LYS A 325 22.24 24.57 5.68
CA LYS A 325 22.58 25.18 6.95
C LYS A 325 21.62 26.28 7.38
N PHE A 326 20.90 26.91 6.45
CA PHE A 326 19.87 27.88 6.77
C PHE A 326 18.59 27.51 6.02
N SER A 327 17.50 28.18 6.37
CA SER A 327 16.24 27.95 5.67
C SER A 327 16.35 28.35 4.20
N GLY A 328 17.13 29.38 3.90
CA GLY A 328 17.32 29.80 2.52
C GLY A 328 17.98 28.76 1.64
N ASP A 329 18.73 27.82 2.23
CA ASP A 329 19.32 26.75 1.45
C ASP A 329 18.27 25.76 0.97
N ILE A 330 17.21 25.55 1.77
CA ILE A 330 16.12 24.70 1.32
C ILE A 330 15.50 25.26 0.05
N THR A 331 15.28 26.58 0.02
CA THR A 331 14.72 27.21 -1.18
C THR A 331 15.65 27.03 -2.37
N LYS A 332 16.96 27.14 -2.17
CA LYS A 332 17.92 26.94 -3.26
C LYS A 332 17.95 25.48 -3.68
N ALA A 333 18.01 24.56 -2.71
CA ALA A 333 18.10 23.14 -3.03
C ALA A 333 16.91 22.69 -3.86
N LEU A 334 15.70 23.12 -3.50
CA LEU A 334 14.53 22.72 -4.25
C LEU A 334 14.47 23.44 -5.59
N ALA A 335 14.78 24.74 -5.62
CA ALA A 335 14.77 25.47 -6.88
C ALA A 335 15.81 24.93 -7.85
N ALA A 336 16.89 24.35 -7.34
CA ALA A 336 17.88 23.72 -8.21
C ALA A 336 17.36 22.43 -8.83
N GLY A 337 16.26 21.87 -8.34
CA GLY A 337 15.67 20.70 -8.96
C GLY A 337 15.28 19.60 -7.99
N GLY A 338 15.72 19.71 -6.74
CA GLY A 338 15.39 18.69 -5.76
C GLY A 338 13.92 18.72 -5.41
N HIS A 339 13.34 17.53 -5.22
CA HIS A 339 11.93 17.43 -4.84
C HIS A 339 11.73 17.49 -3.34
N ALA A 340 12.72 17.05 -2.57
CA ALA A 340 12.67 17.17 -1.12
C ALA A 340 14.10 17.22 -0.59
N VAL A 341 14.26 17.80 0.58
CA VAL A 341 15.56 17.91 1.23
C VAL A 341 15.59 16.95 2.41
N MET A 342 16.77 16.40 2.67
CA MET A 342 17.00 15.56 3.83
C MET A 342 17.82 16.33 4.85
N LEU A 343 17.43 16.24 6.11
CA LEU A 343 18.10 16.92 7.20
C LEU A 343 18.56 15.92 8.25
N GLY A 344 19.70 16.21 8.87
CA GLY A 344 20.22 15.39 9.93
C GLY A 344 20.79 16.20 11.07
N SER A 345 21.82 17.01 10.77
CA SER A 345 22.48 17.79 11.81
C SER A 345 21.52 18.82 12.41
N LEU A 346 20.63 19.38 11.59
CA LEU A 346 19.71 20.40 12.09
C LEU A 346 18.71 19.83 13.07
N LEU A 347 18.32 18.56 12.92
CA LEU A 347 17.32 17.93 13.76
C LEU A 347 17.93 17.04 14.84
N ALA A 348 19.25 16.96 14.93
CA ALA A 348 19.88 15.95 15.78
C ALA A 348 19.71 16.26 17.26
N GLY A 349 19.59 17.52 17.63
CA GLY A 349 19.47 17.92 19.02
C GLY A 349 18.07 18.17 19.52
N THR A 350 17.04 17.80 18.76
CA THR A 350 15.68 18.12 19.14
C THR A 350 15.13 17.12 20.15
N SER A 351 13.93 17.41 20.64
CA SER A 351 13.33 16.59 21.68
C SER A 351 13.01 15.18 21.18
N GLU A 352 12.49 15.07 19.96
CA GLU A 352 12.14 13.78 19.38
C GLU A 352 13.34 13.05 18.80
N SER A 353 14.53 13.60 18.95
CA SER A 353 15.75 12.96 18.42
C SER A 353 16.21 11.88 19.39
N PRO A 354 16.92 10.81 18.94
CA PRO A 354 17.30 9.72 19.82
C PRO A 354 18.22 10.06 20.98
N GLY A 355 17.91 9.54 22.17
CA GLY A 355 18.79 9.70 23.35
C GLY A 355 18.63 11.01 24.06
N GLU A 356 19.35 11.21 25.16
CA GLU A 356 19.34 12.53 25.83
C GLU A 356 20.77 13.08 25.84
N THR A 357 21.68 12.47 25.06
CA THR A 357 23.10 12.92 24.97
C THR A 357 23.82 12.61 26.27
N PRO A 358 23.53 19.09 21.69
CA PRO A 358 22.94 20.37 22.09
C PRO A 358 21.43 20.38 21.96
N TYR A 359 20.73 20.69 23.05
CA TYR A 359 19.27 20.66 23.03
C TYR A 359 18.72 21.78 22.15
N LYS A 360 17.73 21.44 21.31
CA LYS A 360 17.14 22.38 20.37
C LYS A 360 15.63 22.51 20.54
N GLY A 361 15.06 21.92 21.59
CA GLY A 361 13.62 21.96 21.80
C GLY A 361 12.88 21.01 20.88
N PRO A 362 11.56 21.17 20.81
CA PRO A 362 10.77 20.33 19.90
C PRO A 362 11.25 20.49 18.46
N VAL A 363 11.09 19.43 17.67
CA VAL A 363 11.54 19.52 16.28
C VAL A 363 10.54 20.33 15.48
N GLU A 364 9.33 20.52 16.01
CA GLU A 364 8.34 21.40 15.37
C GLU A 364 8.82 22.84 15.36
N GLU A 365 9.61 23.25 16.37
CA GLU A 365 10.24 24.56 16.34
C GLU A 365 11.07 24.73 15.08
N THR A 366 12.00 23.80 14.85
CA THR A 366 12.95 23.91 13.75
C THR A 366 12.23 23.85 12.40
N VAL A 367 11.38 22.83 12.22
CA VAL A 367 10.70 22.64 10.94
C VAL A 367 9.84 23.85 10.60
N TYR A 368 9.23 24.46 11.61
CA TYR A 368 8.41 25.65 11.38
C TYR A 368 9.25 26.79 10.80
N GLN A 369 10.40 27.05 11.41
CA GLN A 369 11.26 28.14 10.93
C GLN A 369 11.84 27.81 9.55
N LEU A 370 12.20 26.54 9.33
CA LEU A 370 12.76 26.16 8.03
C LEU A 370 11.72 26.27 6.94
N VAL A 371 10.51 25.75 7.18
CA VAL A 371 9.43 25.85 6.21
C VAL A 371 9.02 27.31 6.04
N GLY A 372 9.03 28.08 7.12
CA GLY A 372 8.72 29.50 7.01
C GLY A 372 9.65 30.23 6.05
N GLY A 373 10.94 29.91 6.12
CA GLY A 373 11.88 30.51 5.17
C GLY A 373 11.61 30.07 3.74
N LEU A 374 11.30 28.78 3.55
CA LEU A 374 10.96 28.29 2.23
C LEU A 374 9.76 29.05 1.66
N ARG A 375 8.68 29.15 2.45
CA ARG A 375 7.50 29.89 2.01
C ARG A 375 7.85 31.31 1.63
N SER A 376 8.71 31.97 2.42
CA SER A 376 9.12 33.33 2.09
C SER A 376 9.87 33.37 0.76
N GLY A 377 10.75 32.40 0.52
CA GLY A 377 11.48 32.36 -0.74
C GLY A 377 10.57 32.13 -1.94
N MET A 378 9.59 31.23 -1.80
CA MET A 378 8.66 30.99 -2.89
C MET A 378 7.77 32.21 -3.13
N GLY A 379 7.50 33.00 -2.09
CA GLY A 379 6.78 34.24 -2.30
C GLY A 379 7.55 35.20 -3.19
N TYR A 380 8.85 35.36 -2.91
CA TYR A 380 9.68 36.24 -3.74
C TYR A 380 9.76 35.75 -5.17
N CYS A 381 9.81 34.43 -5.36
CA CYS A 381 9.93 33.85 -6.69
C CYS A 381 8.60 33.73 -7.41
N GLY A 382 7.48 34.04 -6.74
CA GLY A 382 6.18 33.80 -7.32
C GLY A 382 5.86 32.35 -7.53
N SER A 383 6.44 31.47 -6.71
CA SER A 383 6.31 30.03 -6.90
C SER A 383 4.96 29.57 -6.36
N LYS A 384 4.08 29.15 -7.26
CA LYS A 384 2.75 28.66 -6.87
C LYS A 384 2.88 27.44 -5.97
N ASP A 385 3.66 26.45 -6.42
CA ASP A 385 3.86 25.19 -5.72
C ASP A 385 5.32 24.79 -5.93
N LEU A 386 5.64 23.52 -5.68
CA LEU A 386 7.04 23.12 -5.72
C LEU A 386 7.54 22.90 -7.14
N ARG A 387 6.67 22.50 -8.08
CA ARG A 387 7.12 22.34 -9.45
C ARG A 387 7.52 23.69 -10.05
N ALA A 388 6.77 24.75 -9.71
CA ALA A 388 7.08 26.07 -10.25
C ALA A 388 8.41 26.59 -9.73
N LEU A 389 8.69 26.37 -8.45
CA LEU A 389 10.03 26.67 -7.92
C LEU A 389 11.09 25.85 -8.63
N ARG A 390 10.80 24.57 -8.87
CA ARG A 390 11.77 23.67 -9.51
C ARG A 390 12.00 24.07 -10.96
N GLU A 391 10.92 24.29 -11.72
CA GLU A 391 11.02 24.41 -13.16
C GLU A 391 11.22 25.84 -13.65
N GLU A 392 10.87 26.85 -12.86
CA GLU A 392 10.83 28.21 -13.37
C GLU A 392 11.71 29.20 -12.62
N ALA A 393 11.99 28.98 -11.35
CA ALA A 393 12.79 29.92 -10.59
C ALA A 393 14.20 30.04 -11.19
N GLN A 394 14.69 31.28 -11.26
CA GLN A 394 16.02 31.55 -11.80
C GLN A 394 16.98 31.94 -10.69
N PHE A 395 18.24 31.66 -10.93
CA PHE A 395 19.27 31.99 -9.92
C PHE A 395 20.21 33.07 -10.44
N ILE A 396 20.91 33.74 -9.53
CA ILE A 396 21.96 34.71 -9.92
C ILE A 396 23.25 34.21 -9.30
N ARG A 397 24.30 34.15 -10.11
CA ARG A 397 25.63 33.71 -9.61
C ARG A 397 26.32 34.90 -8.95
N MET A 398 26.89 34.68 -7.78
CA MET A 398 27.53 35.77 -7.04
C MET A 398 29.00 35.50 -6.80
N THR A 399 29.81 36.56 -6.78
CA THR A 399 31.23 36.44 -6.40
C THR A 399 31.21 36.34 -4.87
N GLY A 400 32.22 35.75 -4.26
CA GLY A 400 32.18 35.47 -2.83
C GLY A 400 31.82 36.63 -1.91
N ALA A 401 32.13 39.12 -3.54
CA ALA A 401 32.22 40.30 -2.68
C ALA A 401 33.65 40.82 -2.62
N HIS B 1 -33.89 -29.16 26.87
CA HIS B 1 -35.11 -28.46 26.49
C HIS B 1 -35.10 -28.12 25.00
N HIS B 2 -34.69 -29.09 24.19
CA HIS B 2 -34.63 -28.86 22.75
C HIS B 2 -36.03 -28.83 22.12
N TRP B 3 -37.01 -29.49 22.73
CA TRP B 3 -38.40 -29.52 22.21
C TRP B 3 -39.07 -28.15 22.30
N GLU B 4 -38.67 -27.31 23.26
CA GLU B 4 -39.31 -26.01 23.48
C GLU B 4 -38.63 -24.93 22.64
N SER B 5 -37.33 -25.06 22.38
CA SER B 5 -36.54 -24.06 21.63
C SER B 5 -36.62 -24.34 20.15
N LYS B 6 -37.44 -25.29 19.75
CA LYS B 6 -37.56 -25.72 18.36
C LYS B 6 -37.92 -24.55 17.47
N PHE B 7 -38.65 -23.58 17.97
CA PHE B 7 -39.15 -22.46 17.14
C PHE B 7 -38.85 -21.10 17.80
N SER B 8 -37.81 -21.02 18.61
CA SER B 8 -37.48 -19.81 19.39
C SER B 8 -36.61 -18.84 18.60
N LYS B 9 -36.01 -19.26 17.50
CA LYS B 9 -35.05 -18.44 16.74
C LYS B 9 -35.74 -17.65 15.65
N GLU B 10 -35.26 -16.44 15.38
CA GLU B 10 -35.77 -15.57 14.32
C GLU B 10 -34.65 -15.30 13.34
N GLY B 11 -34.97 -15.10 12.07
CA GLY B 11 -33.97 -14.92 11.03
C GLY B 11 -34.31 -13.79 10.08
N LEU B 12 -33.37 -12.88 9.91
CA LEU B 12 -33.52 -11.75 9.00
C LEU B 12 -32.74 -11.98 7.72
N THR B 13 -33.36 -11.66 6.59
CA THR B 13 -32.72 -11.70 5.28
C THR B 13 -32.44 -10.27 4.82
N PHE B 14 -31.89 -10.15 3.61
CA PHE B 14 -31.54 -8.84 3.07
C PHE B 14 -32.77 -7.95 2.94
N ASP B 15 -33.92 -8.52 2.61
CA ASP B 15 -35.13 -7.76 2.36
C ASP B 15 -35.83 -7.31 3.64
N ASP B 16 -35.32 -7.72 4.80
CA ASP B 16 -35.93 -7.36 6.08
C ASP B 16 -35.38 -6.06 6.64
N VAL B 17 -34.23 -5.59 6.16
CA VAL B 17 -33.50 -4.52 6.82
C VAL B 17 -33.07 -3.48 5.80
N LEU B 18 -32.96 -2.24 6.26
CA LEU B 18 -32.34 -1.15 5.53
C LEU B 18 -31.31 -0.48 6.43
N LEU B 19 -30.29 0.10 5.82
CA LEU B 19 -29.25 0.79 6.57
C LEU B 19 -29.66 2.23 6.84
N VAL B 20 -29.44 2.67 8.08
CA VAL B 20 -29.85 3.99 8.53
C VAL B 20 -28.77 5.01 8.21
N PRO B 21 -29.10 6.14 7.58
CA PRO B 21 -28.09 7.17 7.35
C PRO B 21 -27.65 7.82 8.66
N ALA B 22 -26.36 8.16 8.72
CA ALA B 22 -25.77 8.82 9.88
C ALA B 22 -24.93 9.99 9.40
N LYS B 23 -24.40 10.76 10.35
CA LYS B 23 -23.56 11.89 10.00
C LYS B 23 -22.36 11.42 9.19
N SER B 24 -22.14 12.07 8.05
CA SER B 24 -21.12 11.65 7.11
C SER B 24 -20.15 12.79 6.84
N GLU B 25 -18.86 12.45 6.76
CA GLU B 25 -17.81 13.38 6.36
C GLU B 25 -17.06 12.89 5.13
N VAL B 26 -17.55 11.86 4.45
CA VAL B 26 -16.82 11.20 3.38
C VAL B 26 -17.73 11.07 2.16
N LEU B 27 -17.20 11.41 0.99
CA LEU B 27 -17.89 11.15 -0.26
C LEU B 27 -17.68 9.70 -0.67
N PRO B 28 -18.61 9.12 -1.44
CA PRO B 28 -18.43 7.73 -1.89
C PRO B 28 -17.09 7.45 -2.54
N ARG B 29 -16.54 8.42 -3.29
CA ARG B 29 -15.29 8.18 -3.99
C ARG B 29 -14.08 8.15 -3.05
N ASP B 30 -14.19 8.76 -1.87
CA ASP B 30 -13.11 8.78 -0.90
C ASP B 30 -13.18 7.65 0.12
N VAL B 31 -14.12 6.73 -0.06
CA VAL B 31 -14.28 5.63 0.88
C VAL B 31 -13.22 4.57 0.62
N ASP B 32 -12.61 4.07 1.68
CA ASP B 32 -11.61 3.02 1.58
C ASP B 32 -12.31 1.65 1.55
N LEU B 33 -12.16 0.94 0.44
CA LEU B 33 -12.84 -0.34 0.24
C LEU B 33 -11.94 -1.54 0.51
N SER B 34 -10.70 -1.32 0.96
CA SER B 34 -9.79 -2.43 1.20
C SER B 34 -10.24 -3.24 2.41
N VAL B 35 -9.84 -4.51 2.43
CA VAL B 35 -10.18 -5.41 3.52
C VAL B 35 -9.04 -6.40 3.71
N GLU B 36 -8.73 -6.70 4.97
CA GLU B 36 -7.66 -7.62 5.33
C GLU B 36 -8.29 -8.93 5.79
N LEU B 37 -8.37 -9.91 4.87
CA LEU B 37 -8.92 -11.21 5.23
C LEU B 37 -7.99 -11.96 6.19
N THR B 38 -6.69 -11.77 6.04
CA THR B 38 -5.70 -12.25 6.99
C THR B 38 -4.43 -11.43 6.77
N LYS B 39 -3.40 -11.74 7.56
CA LYS B 39 -2.17 -10.97 7.47
C LYS B 39 -1.49 -11.08 6.11
N THR B 40 -1.77 -12.16 5.36
CA THR B 40 -1.12 -12.40 4.07
C THR B 40 -2.07 -12.26 2.89
N LEU B 41 -3.35 -12.02 3.13
CA LEU B 41 -4.36 -11.98 2.06
C LEU B 41 -5.17 -10.71 2.24
N LYS B 42 -4.97 -9.75 1.34
CA LYS B 42 -5.60 -8.44 1.45
C LYS B 42 -6.20 -8.07 0.10
N LEU B 43 -7.45 -7.62 0.13
CA LEU B 43 -8.15 -7.18 -1.07
C LEU B 43 -8.32 -5.67 -1.05
N ASN B 44 -8.46 -5.08 -2.23
CA ASN B 44 -8.77 -3.66 -2.36
C ASN B 44 -10.25 -3.40 -2.56
N ILE B 45 -11.01 -4.39 -3.01
CA ILE B 45 -12.47 -4.35 -2.97
C ILE B 45 -12.94 -5.66 -2.34
N PRO B 46 -13.98 -5.65 -1.51
CA PRO B 46 -14.44 -6.86 -0.81
C PRO B 46 -15.33 -7.75 -1.66
N VAL B 47 -14.85 -8.13 -2.84
CA VAL B 47 -15.61 -8.93 -3.80
C VAL B 47 -14.78 -10.13 -4.20
N ILE B 48 -15.37 -11.33 -4.11
CA ILE B 48 -14.72 -12.57 -4.48
C ILE B 48 -15.61 -13.31 -5.46
N SER B 49 -15.04 -13.76 -6.57
CA SER B 49 -15.79 -14.57 -7.52
C SER B 49 -15.80 -16.02 -7.03
N ALA B 50 -16.97 -16.65 -7.07
CA ALA B 50 -17.15 -17.96 -6.45
C ALA B 50 -16.37 -19.04 -7.18
N GLY B 51 -15.98 -20.07 -6.43
CA GLY B 51 -15.35 -21.23 -7.01
C GLY B 51 -16.34 -22.13 -7.72
N MET B 52 -17.09 -21.56 -8.65
CA MET B 52 -18.07 -22.29 -9.44
C MET B 52 -17.56 -22.42 -10.88
N ASP B 53 -17.86 -23.57 -11.48
CA ASP B 53 -17.44 -23.94 -12.83
C ASP B 53 -18.16 -23.18 -13.93
N THR B 54 -19.08 -22.30 -13.57
CA THR B 54 -19.66 -21.32 -14.49
C THR B 54 -19.28 -19.90 -14.14
N VAL B 55 -18.32 -19.71 -13.24
CA VAL B 55 -17.98 -18.37 -12.76
C VAL B 55 -16.49 -18.08 -12.92
N THR B 56 -15.63 -18.86 -12.26
CA THR B 56 -14.23 -18.49 -12.08
C THR B 56 -13.30 -19.54 -12.66
N GLU B 57 -12.63 -19.19 -13.76
CA GLU B 57 -11.39 -19.84 -14.16
C GLU B 57 -10.33 -18.75 -14.25
N SER B 58 -9.22 -19.00 -14.96
CA SER B 58 -8.10 -18.06 -14.94
C SER B 58 -8.49 -16.68 -15.44
N ALA B 59 -9.34 -16.62 -16.48
CA ALA B 59 -9.76 -15.33 -17.00
C ALA B 59 -10.54 -14.53 -15.98
N MET B 60 -11.44 -15.17 -15.26
CA MET B 60 -12.20 -14.49 -14.21
C MET B 60 -11.30 -14.09 -13.04
N ALA B 61 -10.44 -15.01 -12.61
CA ALA B 61 -9.56 -14.73 -11.47
C ALA B 61 -8.62 -13.56 -11.78
N ILE B 62 -8.13 -13.48 -13.02
CA ILE B 62 -7.29 -12.36 -13.40
C ILE B 62 -8.08 -11.06 -13.39
N ALA B 63 -9.30 -11.08 -13.94
CA ALA B 63 -10.13 -9.88 -13.95
C ALA B 63 -10.47 -9.44 -12.53
N MET B 64 -10.83 -10.38 -11.66
CA MET B 64 -11.18 -10.02 -10.29
C MET B 64 -10.00 -9.40 -9.56
N ALA B 65 -8.82 -10.01 -9.66
CA ALA B 65 -7.65 -9.48 -8.99
C ALA B 65 -7.23 -8.14 -9.58
N ARG B 66 -7.41 -7.95 -10.88
CA ARG B 66 -7.07 -6.67 -11.50
C ARG B 66 -7.87 -5.53 -10.89
N GLN B 67 -9.09 -5.80 -10.44
CA GLN B 67 -9.97 -4.78 -9.88
C GLN B 67 -9.83 -4.63 -8.38
N GLY B 68 -8.99 -5.44 -7.74
CA GLY B 68 -8.83 -5.41 -6.30
C GLY B 68 -9.49 -6.54 -5.55
N GLY B 69 -10.23 -7.41 -6.25
CA GLY B 69 -10.92 -8.52 -5.64
C GLY B 69 -10.09 -9.79 -5.63
N LEU B 70 -10.79 -10.92 -5.73
CA LEU B 70 -10.14 -12.23 -5.66
C LEU B 70 -10.99 -13.23 -6.44
N GLY B 71 -10.31 -14.14 -7.13
CA GLY B 71 -10.97 -15.21 -7.86
C GLY B 71 -10.61 -16.57 -7.29
N ILE B 72 -11.61 -17.42 -7.11
CA ILE B 72 -11.42 -18.76 -6.58
C ILE B 72 -11.60 -19.75 -7.73
N ILE B 73 -10.49 -20.33 -8.19
CA ILE B 73 -10.56 -21.31 -9.26
C ILE B 73 -11.35 -22.52 -8.79
N HIS B 74 -12.36 -22.91 -9.58
CA HIS B 74 -13.24 -24.00 -9.16
C HIS B 74 -12.51 -25.34 -9.21
N LYS B 75 -13.09 -26.31 -8.49
CA LYS B 75 -12.47 -27.62 -8.29
C LYS B 75 -13.00 -28.68 -9.24
N ASN B 76 -13.88 -28.31 -10.18
CA ASN B 76 -14.47 -29.29 -11.09
C ASN B 76 -13.58 -29.47 -12.33
N MET B 77 -12.38 -29.96 -12.05
CA MET B 77 -11.39 -30.39 -13.03
C MET B 77 -10.29 -31.09 -12.26
N SER B 78 -9.38 -31.73 -12.98
CA SER B 78 -8.36 -32.53 -12.31
C SER B 78 -7.34 -31.64 -11.60
N ILE B 79 -6.44 -32.28 -10.86
CA ILE B 79 -5.47 -31.55 -10.05
C ILE B 79 -4.48 -30.80 -10.93
N GLU B 80 -3.99 -31.45 -11.99
CA GLU B 80 -3.04 -30.80 -12.88
C GLU B 80 -3.67 -29.58 -13.53
N GLN B 81 -4.90 -29.73 -14.04
CA GLN B 81 -5.61 -28.61 -14.64
C GLN B 81 -5.70 -27.43 -13.68
N GLN B 82 -5.95 -27.70 -12.39
CA GLN B 82 -6.19 -26.62 -11.44
C GLN B 82 -4.89 -25.93 -11.05
N ALA B 83 -3.79 -26.69 -10.94
CA ALA B 83 -2.50 -26.06 -10.70
C ALA B 83 -2.10 -25.16 -11.88
N GLU B 84 -2.42 -25.60 -13.10
CA GLU B 84 -2.12 -24.78 -14.28
C GLU B 84 -2.93 -23.49 -14.26
N GLN B 85 -4.17 -23.54 -13.78
CA GLN B 85 -5.00 -22.35 -13.75
C GLN B 85 -4.49 -21.35 -12.71
N VAL B 86 -4.11 -21.84 -11.53
CA VAL B 86 -3.52 -20.97 -10.52
C VAL B 86 -2.24 -20.34 -11.04
N ASP B 87 -1.38 -21.16 -11.65
CA ASP B 87 -0.13 -20.66 -12.20
C ASP B 87 -0.36 -19.64 -13.30
N LYS B 88 -1.42 -19.81 -14.09
CA LYS B 88 -1.72 -18.87 -15.17
C LYS B 88 -2.08 -17.50 -14.63
N VAL B 89 -2.72 -17.43 -13.47
CA VAL B 89 -3.06 -16.14 -12.87
C VAL B 89 -1.82 -15.52 -12.20
N LYS B 90 -1.00 -16.35 -11.55
CA LYS B 90 0.20 -15.84 -10.90
C LYS B 90 1.20 -15.28 -11.91
N ARG B 91 1.16 -15.77 -13.14
CA ARG B 91 2.14 -15.34 -14.16
C ARG B 91 1.52 -14.32 -15.11
N SER B 92 0.28 -13.89 -14.87
CA SER B 92 -0.39 -12.98 -15.82
C SER B 92 0.37 -11.68 -15.96
N GLU B 93 0.49 -10.91 -14.89
CA GLU B 93 1.15 -9.59 -14.99
C GLU B 93 2.64 -9.81 -14.77
N ARG B 94 3.38 -10.00 -15.86
CA ARG B 94 4.83 -10.31 -15.72
C ARG B 94 5.58 -8.99 -15.75
N GLY B 95 4.84 -7.89 -15.85
CA GLY B 95 5.48 -6.59 -15.96
C GLY B 95 5.58 -6.24 -17.42
N ILE B 96 7.12 -6.21 -21.09
CA ILE B 96 7.76 -7.45 -21.62
C ILE B 96 9.25 -7.23 -21.53
N THR B 97 9.92 -7.97 -20.64
CA THR B 97 11.39 -7.89 -20.53
C THR B 97 11.97 -8.57 -21.75
N ASN B 98 11.36 -9.67 -22.14
CA ASN B 98 11.82 -10.38 -23.36
C ASN B 98 10.92 -9.89 -24.49
N PRO B 99 11.39 -8.95 -25.34
CA PRO B 99 10.56 -8.43 -26.39
C PRO B 99 10.81 -9.26 -27.66
N PHE B 100 9.75 -9.50 -28.43
CA PHE B 100 9.87 -10.24 -29.71
C PHE B 100 10.47 -9.30 -30.75
N PHE B 101 11.63 -9.63 -31.29
CA PHE B 101 12.32 -8.68 -32.20
C PHE B 101 12.61 -9.30 -33.57
N LEU B 102 13.27 -8.53 -34.43
CA LEU B 102 13.61 -8.98 -35.77
C LEU B 102 14.83 -8.19 -36.25
N THR B 103 15.32 -8.52 -37.44
CA THR B 103 16.49 -7.89 -38.00
C THR B 103 16.20 -7.40 -39.42
N PRO B 104 16.91 -6.36 -39.88
CA PRO B 104 16.68 -5.87 -41.25
C PRO B 104 16.88 -6.91 -42.34
N ASP B 105 17.47 -8.06 -42.03
CA ASP B 105 17.62 -9.11 -43.04
C ASP B 105 16.29 -9.73 -43.41
N HIS B 106 15.36 -9.81 -42.46
CA HIS B 106 14.10 -10.49 -42.68
C HIS B 106 13.22 -9.71 -43.66
N GLN B 107 12.25 -10.41 -44.23
CA GLN B 107 11.29 -9.83 -45.16
C GLN B 107 10.10 -9.26 -44.41
N VAL B 108 9.32 -8.41 -45.10
CA VAL B 108 8.14 -7.81 -44.48
C VAL B 108 7.11 -8.87 -44.11
N PHE B 109 7.09 -9.99 -44.84
CA PHE B 109 6.17 -11.06 -44.46
C PHE B 109 6.45 -11.52 -43.03
N ASP B 110 7.72 -11.74 -42.71
CA ASP B 110 8.16 -12.12 -41.37
C ASP B 110 7.49 -11.29 -40.30
N ALA B 111 7.44 -9.98 -40.52
CA ALA B 111 6.84 -9.06 -39.56
C ALA B 111 5.34 -9.26 -39.44
N GLU B 112 4.64 -9.47 -40.57
CA GLU B 112 3.20 -9.71 -40.49
C GLU B 112 2.90 -10.98 -39.72
N HIS B 113 3.74 -12.00 -39.88
CA HIS B 113 3.58 -13.25 -39.17
C HIS B 113 3.48 -13.00 -37.67
N LEU B 114 4.47 -12.27 -37.15
CA LEU B 114 4.54 -11.93 -35.73
C LEU B 114 3.31 -11.15 -35.29
N MET B 115 2.95 -10.10 -36.06
CA MET B 115 1.81 -9.27 -35.69
C MET B 115 0.52 -10.07 -35.71
N GLY B 116 0.30 -10.84 -36.77
CA GLY B 116 -0.94 -11.60 -36.87
C GLY B 116 -1.02 -12.75 -35.89
N LYS B 117 0.11 -13.34 -35.52
CA LYS B 117 0.10 -14.50 -34.65
C LYS B 117 -0.29 -14.13 -33.22
N TYR B 118 0.27 -13.04 -32.70
CA TYR B 118 0.14 -12.70 -31.28
C TYR B 118 -0.73 -11.48 -31.03
N ARG B 119 -1.47 -11.00 -32.05
CA ARG B 119 -2.27 -9.77 -31.93
C ARG B 119 -1.40 -8.60 -31.48
N ILE B 120 -0.19 -8.54 -32.02
CA ILE B 120 0.79 -7.52 -31.70
C ILE B 120 0.80 -6.49 -32.83
N SER B 121 1.00 -5.22 -32.49
CA SER B 121 1.00 -4.17 -33.50
C SER B 121 2.38 -3.60 -33.78
N GLY B 122 3.42 -4.09 -33.11
CA GLY B 122 4.76 -3.56 -33.32
C GLY B 122 5.89 -4.53 -33.11
N VAL B 123 6.91 -4.45 -33.95
CA VAL B 123 8.10 -5.27 -33.84
C VAL B 123 9.31 -4.35 -33.79
N PRO B 124 10.07 -4.33 -32.69
CA PRO B 124 11.33 -3.60 -32.68
C PRO B 124 12.39 -4.37 -33.44
N ILE B 125 13.19 -3.67 -34.26
CA ILE B 125 14.21 -4.29 -35.14
C ILE B 125 15.60 -4.02 -34.58
N VAL B 126 16.36 -5.08 -34.28
CA VAL B 126 17.71 -4.97 -33.66
C VAL B 126 18.78 -5.25 -34.72
N ASN B 127 20.01 -4.76 -34.55
CA ASN B 127 21.11 -4.91 -35.55
C ASN B 127 21.52 -6.36 -35.71
N ASN B 128 21.65 -7.14 -34.64
CA ASN B 128 21.96 -8.58 -34.77
C ASN B 128 21.34 -9.38 -33.63
N GLU B 129 21.23 -10.69 -33.79
CA GLU B 129 20.62 -11.59 -32.80
C GLU B 129 21.37 -11.50 -31.49
N GLU B 130 22.64 -11.16 -31.57
CA GLU B 130 23.49 -11.14 -30.37
C GLU B 130 23.52 -9.74 -29.78
N ASP B 131 24.23 -8.80 -30.39
CA ASP B 131 24.34 -7.43 -29.85
C ASP B 131 23.01 -6.75 -30.09
N GLN B 132 21.94 -7.26 -29.48
CA GLN B 132 20.60 -6.71 -29.72
C GLN B 132 20.69 -5.20 -29.61
N LYS B 133 20.91 -4.49 -30.70
CA LYS B 133 21.02 -3.01 -30.71
C LYS B 133 19.85 -2.47 -31.53
N LEU B 134 19.03 -1.60 -30.97
CA LEU B 134 17.79 -1.14 -31.65
C LEU B 134 18.16 -0.31 -32.88
N VAL B 135 17.66 -0.68 -34.05
CA VAL B 135 17.93 0.05 -35.32
C VAL B 135 16.63 0.64 -35.81
N GLY B 136 15.51 -0.02 -35.56
CA GLY B 136 14.24 0.38 -36.13
C GLY B 136 13.08 -0.29 -35.45
N ILE B 137 11.88 0.11 -35.87
CA ILE B 137 10.63 -0.50 -35.43
C ILE B 137 9.67 -0.54 -36.61
N ILE B 138 8.86 -1.59 -36.70
CA ILE B 138 7.89 -1.76 -37.77
C ILE B 138 6.54 -2.07 -37.13
N THR B 139 5.47 -1.60 -37.78
CA THR B 139 4.13 -1.54 -37.17
C THR B 139 3.09 -1.74 -38.28
N ASN B 140 1.82 -1.90 -37.90
CA ASN B 140 0.81 -2.09 -38.96
C ASN B 140 0.61 -0.83 -39.79
N ARG B 141 0.58 0.35 -39.17
CA ARG B 141 0.29 1.57 -39.97
C ARG B 141 1.40 1.64 -41.02
N ASP B 142 2.58 1.10 -40.73
CA ASP B 142 3.69 1.04 -41.72
C ASP B 142 3.29 0.07 -42.82
N LEU B 143 2.72 -1.08 -42.45
CA LEU B 143 2.31 -2.12 -43.44
C LEU B 143 1.22 -1.56 -44.36
N ARG B 144 0.36 -0.70 -43.83
CA ARG B 144 -0.74 -0.14 -44.64
C ARG B 144 -0.11 0.63 -45.81
N PHE B 145 0.98 1.34 -45.55
CA PHE B 145 1.58 2.16 -46.62
C PHE B 145 2.34 1.28 -47.61
N ILE B 146 2.21 -0.06 -47.55
CA ILE B 146 2.94 -0.84 -48.57
C ILE B 146 2.01 -1.84 -49.26
N ALA B 147 2.08 -1.93 -50.59
CA ALA B 147 1.34 -2.99 -51.30
C ALA B 147 2.08 -4.26 -50.90
N ASP B 148 1.44 -5.43 -50.94
CA ASP B 148 2.13 -6.62 -50.37
C ASP B 148 3.52 -6.67 -50.97
N TYR B 149 4.53 -6.74 -50.11
CA TYR B 149 5.92 -6.70 -50.61
C TYR B 149 6.81 -7.50 -49.66
N SER B 150 7.93 -8.01 -50.17
CA SER B 150 8.89 -8.77 -49.34
C SER B 150 10.16 -7.93 -49.26
N MET B 151 10.03 -6.64 -49.54
CA MET B 151 11.23 -5.79 -49.56
C MET B 151 11.88 -5.87 -48.17
N LYS B 152 13.16 -5.55 -48.08
CA LYS B 152 13.84 -5.71 -46.78
C LYS B 152 13.16 -4.76 -45.79
N ILE B 153 12.94 -5.20 -44.56
CA ILE B 153 12.18 -4.35 -43.62
C ILE B 153 12.96 -3.06 -43.43
N SER B 154 14.27 -3.09 -43.66
CA SER B 154 15.14 -1.90 -43.46
C SER B 154 14.71 -0.73 -44.37
N ASP B 155 14.26 -1.00 -45.58
CA ASP B 155 13.82 0.16 -46.39
C ASP B 155 12.35 0.44 -46.08
N VAL B 156 11.75 -0.33 -45.18
CA VAL B 156 10.33 -0.15 -44.89
C VAL B 156 10.13 0.45 -43.50
N MET B 157 11.01 0.09 -42.55
CA MET B 157 10.84 0.45 -41.12
C MET B 157 10.97 1.95 -40.81
N THR B 158 10.70 2.33 -39.56
CA THR B 158 10.88 3.74 -39.13
C THR B 158 12.26 3.85 -38.48
N LYS B 159 13.12 4.73 -39.00
CA LYS B 159 14.50 4.83 -38.48
C LYS B 159 14.91 6.26 -38.13
N GLU B 160 14.54 7.25 -38.92
CA GLU B 160 15.07 8.62 -38.68
C GLU B 160 14.60 9.29 -37.37
N GLU B 161 13.32 9.23 -37.02
CA GLU B 161 12.82 9.96 -35.82
C GLU B 161 12.40 8.91 -34.82
N LEU B 162 13.31 8.00 -34.50
CA LEU B 162 13.04 6.85 -33.65
C LEU B 162 13.10 7.28 -32.19
N VAL B 163 12.07 6.89 -31.44
CA VAL B 163 11.88 7.37 -30.07
C VAL B 163 11.99 6.18 -29.12
N THR B 164 12.93 6.27 -28.18
CA THR B 164 13.12 5.25 -27.15
C THR B 164 13.06 5.90 -25.78
N ALA B 165 13.06 5.05 -24.76
CA ALA B 165 13.17 5.49 -23.38
C ALA B 165 14.10 4.52 -22.65
N SER B 166 14.68 5.00 -21.55
CA SER B 166 15.60 4.18 -20.80
C SER B 166 14.85 3.16 -19.94
N VAL B 167 15.55 2.10 -19.57
CA VAL B 167 15.02 1.16 -18.58
C VAL B 167 14.86 1.90 -17.26
N GLY B 168 13.70 1.73 -16.63
CA GLY B 168 13.42 2.34 -15.35
C GLY B 168 12.61 3.62 -15.41
N THR B 169 12.33 4.14 -16.61
CA THR B 169 11.45 5.30 -16.70
C THR B 169 10.03 4.91 -16.29
N THR B 170 9.36 5.86 -15.64
CA THR B 170 8.03 5.58 -15.09
C THR B 170 7.02 5.37 -16.22
N LEU B 171 5.85 4.84 -15.84
CA LEU B 171 4.77 4.69 -16.80
C LEU B 171 4.16 6.02 -17.17
N ASP B 172 4.14 6.98 -16.23
CA ASP B 172 3.68 8.33 -16.55
C ASP B 172 4.54 8.96 -17.64
N GLU B 173 5.86 8.97 -17.42
CA GLU B 173 6.77 9.53 -18.42
C GLU B 173 6.63 8.79 -19.75
N ALA B 174 6.52 7.46 -19.70
CA ALA B 174 6.26 6.69 -20.92
C ALA B 174 5.00 7.18 -21.62
N GLU B 175 3.95 7.45 -20.85
CA GLU B 175 2.71 7.97 -21.43
C GLU B 175 2.94 9.30 -22.13
N LYS B 176 3.59 10.24 -21.43
CA LYS B 176 3.81 11.57 -22.00
C LYS B 176 4.68 11.50 -23.26
N ILE B 177 5.65 10.60 -23.28
CA ILE B 177 6.46 10.42 -24.49
C ILE B 177 5.61 9.93 -25.64
N LEU B 178 4.73 8.97 -25.37
CA LEU B 178 3.82 8.49 -26.40
C LEU B 178 2.84 9.58 -26.83
N GLN B 179 2.36 10.37 -25.87
CA GLN B 179 1.38 11.40 -26.19
C GLN B 179 2.01 12.53 -27.01
N LYS B 180 3.19 13.00 -26.60
CA LYS B 180 3.86 14.04 -27.38
C LYS B 180 4.20 13.54 -28.78
N HIS B 181 5.00 12.49 -28.88
CA HIS B 181 5.48 12.02 -30.19
C HIS B 181 4.40 11.34 -31.02
N LYS B 182 3.17 11.25 -30.51
CA LYS B 182 2.04 10.66 -31.29
C LYS B 182 2.41 9.27 -31.78
N ILE B 183 2.92 8.44 -30.90
CA ILE B 183 3.33 7.06 -31.24
C ILE B 183 2.72 6.17 -30.17
N GLU B 184 2.63 4.87 -30.42
CA GLU B 184 1.95 3.96 -29.47
C GLU B 184 2.93 2.91 -28.94
N LYS B 185 4.17 2.99 -29.40
CA LYS B 185 5.19 2.05 -28.94
C LYS B 185 6.37 2.81 -28.39
N LEU B 186 7.01 2.24 -27.38
CA LEU B 186 8.17 2.87 -26.73
C LEU B 186 9.14 1.78 -26.31
N PRO B 187 10.10 1.44 -27.16
CA PRO B 187 11.09 0.43 -26.79
C PRO B 187 11.99 0.94 -25.66
N LEU B 188 12.37 0.00 -24.79
CA LEU B 188 13.23 0.30 -23.65
C LEU B 188 14.65 -0.17 -23.97
N VAL B 189 15.61 0.76 -23.90
CA VAL B 189 17.00 0.47 -24.19
C VAL B 189 17.85 0.82 -22.98
N ASP B 190 19.09 0.32 -22.99
CA ASP B 190 20.02 0.56 -21.91
C ASP B 190 21.02 1.66 -22.30
N ASP B 191 22.18 1.69 -21.64
CA ASP B 191 23.17 2.72 -21.92
C ASP B 191 23.72 2.60 -23.33
N GLN B 192 24.06 1.38 -23.75
CA GLN B 192 24.62 1.13 -25.07
C GLN B 192 23.54 0.85 -26.12
N ASN B 193 22.30 1.25 -25.84
CA ASN B 193 21.18 1.12 -26.78
C ASN B 193 20.89 -0.34 -27.12
N LYS B 194 21.17 -1.24 -26.18
CA LYS B 194 20.71 -2.61 -26.26
C LYS B 194 19.20 -2.67 -26.02
N LEU B 195 18.50 -3.44 -26.85
CA LEU B 195 17.06 -3.60 -26.63
C LEU B 195 16.86 -4.34 -25.31
N LYS B 196 16.13 -3.74 -24.37
CA LYS B 196 15.88 -4.40 -23.10
C LYS B 196 14.41 -4.61 -22.80
N GLY B 197 13.50 -3.90 -23.44
CA GLY B 197 12.09 -4.09 -23.20
C GLY B 197 11.26 -3.21 -24.11
N LEU B 198 9.95 -3.22 -23.85
CA LEU B 198 9.00 -2.48 -24.67
C LEU B 198 7.83 -2.04 -23.81
N ILE B 199 7.39 -0.80 -24.03
CA ILE B 199 6.21 -0.25 -23.39
C ILE B 199 5.27 0.23 -24.48
N THR B 200 3.99 -0.15 -24.38
CA THR B 200 3.01 0.23 -25.39
C THR B 200 1.89 1.06 -24.74
N ILE B 201 1.14 1.74 -25.60
CA ILE B 201 0.04 2.58 -25.15
C ILE B 201 -0.95 1.78 -24.33
N LYS B 202 -1.22 0.55 -24.76
CA LYS B 202 -2.25 -0.25 -24.12
C LYS B 202 -1.74 -0.91 -22.84
N ASP B 203 -0.41 -1.06 -22.68
CA ASP B 203 0.13 -1.38 -21.36
C ASP B 203 -0.13 -0.26 -20.37
N ILE B 204 -0.01 0.99 -20.82
CA ILE B 204 -0.26 2.13 -19.94
C ILE B 204 -1.75 2.31 -19.70
N GLU B 205 -2.54 2.17 -20.76
CA GLU B 205 -3.99 2.20 -20.59
C GLU B 205 -4.50 1.17 -19.58
N LYS B 206 -3.90 -0.04 -19.50
CA LYS B 206 -4.46 -1.01 -18.55
C LYS B 206 -4.03 -0.66 -17.12
N VAL B 207 -2.94 0.08 -16.94
CA VAL B 207 -2.58 0.52 -15.59
C VAL B 207 -3.51 1.63 -15.14
N ILE B 208 -4.01 2.43 -16.09
CA ILE B 208 -4.92 3.53 -15.75
C ILE B 208 -6.25 3.00 -15.23
N GLU B 209 -6.75 1.92 -15.83
CA GLU B 209 -8.07 1.39 -15.49
C GLU B 209 -8.04 0.38 -14.35
N PHE B 210 -6.88 -0.19 -14.03
CA PHE B 210 -6.74 -1.15 -12.93
C PHE B 210 -5.62 -0.73 -11.99
N PRO B 211 -5.79 0.38 -11.26
CA PRO B 211 -4.77 0.80 -10.31
C PRO B 211 -4.90 0.20 -8.92
N ASN B 212 -6.03 -0.45 -8.61
CA ASN B 212 -6.26 -1.06 -7.32
C ASN B 212 -6.04 -2.57 -7.34
N SER B 213 -5.27 -3.07 -8.31
CA SER B 213 -5.06 -4.50 -8.46
C SER B 213 -4.49 -5.09 -7.18
N SER B 214 -5.03 -6.23 -6.77
CA SER B 214 -4.60 -6.91 -5.56
C SER B 214 -3.51 -7.92 -5.90
N LYS B 215 -2.35 -7.76 -5.26
CA LYS B 215 -1.18 -8.55 -5.61
C LYS B 215 -0.49 -9.05 -4.34
N ASP B 216 0.25 -10.15 -4.48
CA ASP B 216 1.08 -10.63 -3.38
C ASP B 216 2.29 -9.72 -3.23
N ILE B 217 3.15 -10.05 -2.27
CA ILE B 217 4.25 -9.16 -1.96
C ILE B 217 5.32 -9.17 -3.04
N HIS B 218 5.26 -10.12 -3.96
CA HIS B 218 6.17 -10.17 -5.09
C HIS B 218 5.55 -9.62 -6.37
N GLY B 219 4.43 -8.91 -6.26
CA GLY B 219 3.84 -8.24 -7.39
C GLY B 219 2.99 -9.11 -8.29
N ARG B 220 2.70 -10.35 -7.90
CA ARG B 220 1.85 -11.22 -8.70
C ARG B 220 0.42 -11.13 -8.22
N LEU B 221 -0.52 -11.21 -9.18
CA LEU B 221 -1.93 -11.20 -8.84
C LEU B 221 -2.26 -12.34 -7.88
N ILE B 222 -3.11 -12.05 -6.91
CA ILE B 222 -3.55 -13.08 -5.96
C ILE B 222 -4.59 -13.96 -6.61
N VAL B 223 -4.67 -15.21 -6.16
CA VAL B 223 -5.63 -16.17 -6.69
C VAL B 223 -5.91 -17.21 -5.61
N GLY B 224 -7.12 -17.75 -5.63
CA GLY B 224 -7.48 -18.82 -4.73
C GLY B 224 -7.95 -20.05 -5.48
N ALA B 225 -7.98 -21.20 -4.82
CA ALA B 225 -8.39 -22.44 -5.45
C ALA B 225 -9.32 -23.20 -4.51
N ALA B 226 -10.26 -23.93 -5.10
CA ALA B 226 -11.27 -24.65 -4.34
C ALA B 226 -10.84 -26.08 -4.05
N VAL B 227 -11.08 -26.51 -2.81
CA VAL B 227 -10.79 -27.87 -2.36
C VAL B 227 -12.02 -28.44 -1.66
N GLY B 228 -12.34 -29.69 -1.96
CA GLY B 228 -13.38 -30.42 -1.27
C GLY B 228 -12.82 -31.31 -0.17
N VAL B 229 -13.60 -32.31 0.20
CA VAL B 229 -13.17 -33.28 1.20
C VAL B 229 -13.22 -34.67 0.56
N THR B 230 -12.17 -35.02 -0.19
CA THR B 230 -12.09 -36.32 -0.82
C THR B 230 -10.77 -37.00 -0.46
N GLY B 231 -10.45 -38.10 -1.15
CA GLY B 231 -9.22 -38.81 -0.84
C GLY B 231 -7.98 -38.10 -1.34
N ASP B 232 -8.08 -37.40 -2.46
CA ASP B 232 -6.92 -36.81 -3.12
C ASP B 232 -6.77 -35.32 -2.86
N THR B 233 -7.55 -34.75 -1.94
CA THR B 233 -7.47 -33.31 -1.72
C THR B 233 -6.13 -32.89 -1.15
N MET B 234 -5.47 -33.78 -0.39
CA MET B 234 -4.14 -33.46 0.09
C MET B 234 -3.13 -33.39 -1.04
N THR B 235 -3.33 -34.17 -2.10
CA THR B 235 -2.50 -34.06 -3.29
C THR B 235 -2.88 -32.82 -4.10
N ARG B 236 -4.18 -32.50 -4.12
CA ARG B 236 -4.64 -31.30 -4.81
C ARG B 236 -4.06 -30.04 -4.17
N VAL B 237 -4.16 -29.95 -2.84
CA VAL B 237 -3.60 -28.81 -2.12
C VAL B 237 -2.10 -28.70 -2.38
N LYS B 238 -1.39 -29.83 -2.35
CA LYS B 238 0.06 -29.80 -2.52
C LYS B 238 0.45 -29.21 -3.87
N LYS B 239 -0.22 -29.65 -4.94
CA LYS B 239 0.08 -29.10 -6.25
C LYS B 239 -0.33 -27.63 -6.36
N LEU B 240 -1.40 -27.24 -5.66
CA LEU B 240 -1.83 -25.85 -5.68
C LEU B 240 -0.86 -24.96 -4.91
N VAL B 241 -0.34 -25.45 -3.77
CA VAL B 241 0.69 -24.71 -3.05
C VAL B 241 1.94 -24.59 -3.91
N GLU B 242 2.28 -25.66 -4.65
CA GLU B 242 3.43 -25.62 -5.54
C GLU B 242 3.22 -24.67 -6.71
N ALA B 243 1.99 -24.28 -6.99
CA ALA B 243 1.68 -23.27 -7.99
C ALA B 243 1.54 -21.88 -7.39
N ASN B 244 1.93 -21.71 -6.12
CA ASN B 244 1.91 -20.41 -5.44
C ASN B 244 0.50 -19.86 -5.29
N VAL B 245 -0.46 -20.75 -4.97
CA VAL B 245 -1.81 -20.29 -4.66
C VAL B 245 -1.76 -19.43 -3.40
N ASP B 246 -2.56 -18.37 -3.37
CA ASP B 246 -2.57 -17.48 -2.23
C ASP B 246 -3.48 -17.94 -1.11
N VAL B 247 -4.53 -18.68 -1.44
CA VAL B 247 -5.49 -19.13 -0.43
C VAL B 247 -6.19 -20.38 -0.94
N ILE B 248 -6.39 -21.34 -0.05
CA ILE B 248 -7.14 -22.55 -0.32
C ILE B 248 -8.55 -22.38 0.25
N VAL B 249 -9.56 -22.75 -0.52
CA VAL B 249 -10.94 -22.68 -0.11
C VAL B 249 -11.45 -24.11 0.06
N ILE B 250 -11.51 -24.57 1.31
CA ILE B 250 -12.15 -25.84 1.62
C ILE B 250 -13.65 -25.63 1.47
N ASP B 251 -14.19 -26.07 0.34
CA ASP B 251 -15.53 -25.69 -0.12
C ASP B 251 -16.45 -26.89 -0.05
N THR B 252 -17.39 -26.87 0.90
CA THR B 252 -18.38 -27.92 1.05
C THR B 252 -19.77 -27.29 1.25
N ALA B 253 -20.79 -28.10 0.98
CA ALA B 253 -22.17 -27.64 1.17
C ALA B 253 -22.55 -27.54 2.63
N HIS B 254 -21.87 -28.29 3.51
CA HIS B 254 -22.14 -28.27 4.95
C HIS B 254 -20.80 -28.43 5.67
N GLY B 255 -20.17 -27.31 5.98
CA GLY B 255 -18.84 -27.31 6.57
C GLY B 255 -18.79 -27.75 8.02
N HIS B 256 -19.93 -27.83 8.70
CA HIS B 256 -19.95 -28.23 10.11
C HIS B 256 -20.05 -29.74 10.26
N SER B 257 -19.17 -30.44 9.55
CA SER B 257 -19.01 -31.88 9.64
C SER B 257 -17.61 -32.20 10.14
N GLN B 258 -17.48 -33.32 10.86
CA GLN B 258 -16.17 -33.67 11.40
C GLN B 258 -15.18 -34.03 10.30
N GLY B 259 -15.66 -34.59 9.19
CA GLY B 259 -14.78 -34.85 8.07
C GLY B 259 -14.21 -33.57 7.48
N VAL B 260 -14.99 -32.50 7.49
CA VAL B 260 -14.48 -31.19 7.07
C VAL B 260 -13.51 -30.65 8.11
N LEU B 261 -13.90 -30.72 9.39
CA LEU B 261 -13.04 -30.23 10.47
C LEU B 261 -11.68 -30.91 10.44
N ASN B 262 -11.65 -32.22 10.18
CA ASN B 262 -10.38 -32.93 10.09
C ASN B 262 -9.58 -32.47 8.87
N THR B 263 -10.26 -32.27 7.73
CA THR B 263 -9.57 -31.79 6.55
C THR B 263 -8.94 -30.43 6.79
N VAL B 264 -9.64 -29.56 7.51
CA VAL B 264 -9.07 -28.24 7.83
C VAL B 264 -7.82 -28.40 8.70
N THR B 265 -7.89 -29.28 9.71
CA THR B 265 -6.79 -29.38 10.67
C THR B 265 -5.54 -29.99 10.03
N LYS B 266 -5.70 -31.06 9.26
CA LYS B 266 -4.53 -31.69 8.65
C LYS B 266 -3.92 -30.87 7.52
N ILE B 267 -4.67 -29.99 6.87
CA ILE B 267 -4.03 -29.03 5.95
C ILE B 267 -3.27 -27.98 6.75
N ARG B 268 -3.87 -27.50 7.84
CA ARG B 268 -3.23 -26.50 8.68
C ARG B 268 -1.92 -27.03 9.26
N GLU B 269 -1.94 -28.25 9.78
CA GLU B 269 -0.72 -28.82 10.36
C GLU B 269 0.31 -29.13 9.29
N THR B 270 -0.13 -29.41 8.06
CA THR B 270 0.82 -29.63 6.97
C THR B 270 1.43 -28.32 6.49
N TYR B 271 0.60 -27.29 6.30
CA TYR B 271 1.05 -25.98 5.82
C TYR B 271 0.67 -24.94 6.86
N PRO B 272 1.54 -24.66 7.83
CA PRO B 272 1.17 -23.71 8.90
C PRO B 272 0.93 -22.29 8.42
N GLU B 273 1.56 -21.88 7.32
CA GLU B 273 1.45 -20.50 6.84
C GLU B 273 0.36 -20.31 5.81
N LEU B 274 -0.28 -21.38 5.34
CA LEU B 274 -1.24 -21.28 4.25
C LEU B 274 -2.53 -20.60 4.71
N ASN B 275 -3.16 -19.87 3.80
CA ASN B 275 -4.44 -19.24 4.06
C ASN B 275 -5.56 -20.22 3.72
N ILE B 276 -6.46 -20.44 4.68
CA ILE B 276 -7.54 -21.40 4.53
C ILE B 276 -8.88 -20.69 4.69
N ILE B 277 -9.71 -20.80 3.68
CA ILE B 277 -11.11 -20.33 3.74
C ILE B 277 -11.93 -21.61 3.83
N ALA B 278 -12.78 -21.74 4.84
CA ALA B 278 -13.61 -22.93 5.03
C ALA B 278 -15.08 -22.59 5.14
N GLY B 279 -15.90 -23.25 4.36
CA GLY B 279 -17.36 -23.10 4.40
C GLY B 279 -18.01 -24.32 3.82
N ASN B 280 -19.34 -24.39 3.87
CA ASN B 280 -20.23 -23.26 4.20
C ASN B 280 -20.91 -23.53 5.53
N VAL B 281 -20.95 -22.53 6.38
CA VAL B 281 -21.52 -22.63 7.72
C VAL B 281 -22.51 -21.48 7.89
N ALA B 282 -23.38 -21.50 8.89
CA ALA B 282 -24.41 -20.47 9.10
C ALA B 282 -24.74 -20.31 10.57
N THR B 283 -23.92 -20.84 11.46
CA THR B 283 -24.12 -20.65 12.89
C THR B 283 -22.80 -20.33 13.56
N ALA B 284 -22.89 -19.69 14.73
CA ALA B 284 -21.68 -19.34 15.48
C ALA B 284 -20.95 -20.59 15.97
N GLU B 285 -21.71 -21.62 16.35
CA GLU B 285 -21.09 -22.87 16.79
C GLU B 285 -20.24 -23.49 15.68
N ALA B 286 -20.74 -23.45 14.45
CA ALA B 286 -19.97 -23.97 13.32
C ALA B 286 -18.78 -23.08 13.01
N THR B 287 -18.96 -21.76 13.14
CA THR B 287 -17.84 -20.83 12.94
C THR B 287 -16.72 -21.09 13.95
N ARG B 288 -17.08 -21.34 15.21
CA ARG B 288 -16.11 -21.69 16.24
C ARG B 288 -15.42 -23.02 15.95
N ALA B 289 -16.15 -23.98 15.39
CA ALA B 289 -15.55 -25.28 15.09
C ALA B 289 -14.54 -25.15 13.95
N LEU B 290 -14.85 -24.34 12.94
CA LEU B 290 -13.91 -24.20 11.82
C LEU B 290 -12.66 -23.43 12.23
N ILE B 291 -12.82 -22.38 13.05
CA ILE B 291 -11.67 -21.62 13.51
C ILE B 291 -10.79 -22.49 14.40
N GLU B 292 -11.39 -23.18 15.37
CA GLU B 292 -10.64 -24.09 16.23
C GLU B 292 -9.93 -25.16 15.41
N ALA B 293 -10.54 -25.60 14.32
CA ALA B 293 -9.89 -26.59 13.45
C ALA B 293 -8.67 -26.03 12.75
N GLY B 294 -8.62 -24.71 12.54
CA GLY B 294 -7.44 -24.10 11.95
C GLY B 294 -7.72 -23.22 10.74
N ALA B 295 -8.96 -22.80 10.56
CA ALA B 295 -9.34 -21.98 9.42
C ALA B 295 -9.06 -20.52 9.69
N ASP B 296 -8.62 -19.80 8.65
CA ASP B 296 -8.39 -18.37 8.74
C ASP B 296 -9.66 -17.57 8.50
N VAL B 297 -10.43 -17.95 7.48
CA VAL B 297 -11.65 -17.23 7.10
C VAL B 297 -12.79 -18.23 7.02
N VAL B 298 -13.95 -17.85 7.55
CA VAL B 298 -15.13 -18.70 7.58
C VAL B 298 -16.11 -18.19 6.54
N LYS B 299 -16.50 -19.04 5.59
CA LYS B 299 -17.49 -18.67 4.55
C LYS B 299 -18.91 -18.96 5.05
N VAL B 300 -19.81 -17.97 4.95
CA VAL B 300 -21.17 -18.08 5.53
C VAL B 300 -22.23 -18.17 4.44
N GLY B 301 -23.11 -19.17 4.52
CA GLY B 301 -24.09 -19.43 3.42
C GLY B 301 -24.77 -20.79 3.46
N ILE B 302 -25.78 -20.98 4.28
CA ILE B 302 -26.57 -22.24 4.16
C ILE B 302 -27.97 -21.82 3.79
N GLY B 303 -28.38 -22.14 2.58
CA GLY B 303 -29.74 -21.77 2.17
C GLY B 303 -29.97 -20.28 1.98
N PRO B 304 -29.07 -19.45 1.41
CA PRO B 304 -29.46 -18.05 1.20
C PRO B 304 -30.23 -17.89 -0.09
N GLY B 305 -31.10 -16.89 -0.11
CA GLY B 305 -32.03 -16.74 -1.20
C GLY B 305 -33.39 -17.33 -0.82
N SER B 306 -34.46 -16.66 -1.24
CA SER B 306 -35.79 -17.01 -0.77
C SER B 306 -36.17 -18.44 -1.12
N ILE B 307 -35.99 -18.82 -2.39
CA ILE B 307 -36.46 -20.10 -2.93
C ILE B 307 -35.32 -20.83 -3.64
N CYS B 308 -34.16 -20.85 -3.00
CA CYS B 308 -33.04 -21.64 -3.48
C CYS B 308 -33.30 -23.13 -3.25
N THR B 309 -32.42 -23.96 -3.80
CA THR B 309 -32.63 -25.40 -3.78
C THR B 309 -32.55 -25.96 -2.37
N THR B 310 -31.57 -25.49 -1.57
CA THR B 310 -31.42 -25.98 -0.21
C THR B 310 -32.72 -25.88 0.58
N ARG B 311 -33.44 -24.77 0.41
CA ARG B 311 -34.70 -24.59 1.12
C ARG B 311 -35.81 -25.45 0.53
N VAL B 312 -35.91 -25.50 -0.80
CA VAL B 312 -37.00 -26.22 -1.43
C VAL B 312 -36.80 -27.72 -1.32
N VAL B 313 -35.56 -28.19 -1.46
CA VAL B 313 -35.30 -29.62 -1.47
C VAL B 313 -35.19 -30.17 -0.06
N ALA B 314 -34.35 -29.56 0.77
CA ALA B 314 -34.07 -30.09 2.10
C ALA B 314 -34.89 -29.42 3.21
N GLY B 315 -35.44 -28.24 2.96
CA GLY B 315 -36.10 -27.51 4.03
C GLY B 315 -35.15 -26.82 4.97
N VAL B 316 -33.88 -26.69 4.57
CA VAL B 316 -32.82 -26.17 5.43
C VAL B 316 -32.40 -24.79 4.92
N GLY B 317 -32.07 -23.91 5.85
CA GLY B 317 -31.58 -22.59 5.50
C GLY B 317 -31.53 -21.65 6.68
N VAL B 318 -30.71 -20.61 6.59
CA VAL B 318 -30.62 -19.57 7.58
C VAL B 318 -30.71 -18.21 6.84
N PRO B 319 -31.63 -17.35 7.17
CA PRO B 319 -31.67 -16.03 6.52
C PRO B 319 -30.32 -15.33 6.63
N GLN B 320 -29.83 -14.82 5.49
CA GLN B 320 -28.40 -14.54 5.36
C GLN B 320 -27.93 -13.45 6.30
N ILE B 321 -28.75 -12.42 6.53
CA ILE B 321 -28.34 -11.34 7.43
C ILE B 321 -28.09 -11.89 8.83
N THR B 322 -29.00 -12.75 9.31
CA THR B 322 -28.79 -13.39 10.60
C THR B 322 -27.56 -14.29 10.57
N ALA B 323 -27.38 -15.05 9.49
CA ALA B 323 -26.22 -15.93 9.37
C ALA B 323 -24.92 -15.14 9.44
N ILE B 324 -24.83 -14.06 8.66
CA ILE B 324 -23.62 -13.24 8.65
C ILE B 324 -23.34 -12.69 10.03
N TYR B 325 -24.37 -12.13 10.68
CA TYR B 325 -24.18 -11.45 11.96
C TYR B 325 -23.77 -12.44 13.06
N ASP B 326 -24.43 -13.59 13.13
CA ASP B 326 -24.10 -14.57 14.16
C ASP B 326 -22.70 -15.14 13.95
N CYS B 327 -22.34 -15.43 12.70
CA CYS B 327 -21.02 -15.97 12.43
C CYS B 327 -19.93 -14.91 12.62
N ALA B 328 -20.21 -13.66 12.22
CA ALA B 328 -19.24 -12.59 12.43
C ALA B 328 -19.03 -12.33 13.91
N THR B 329 -20.10 -12.38 14.72
CA THR B 329 -19.97 -12.20 16.15
C THR B 329 -19.01 -13.23 16.75
N GLU B 330 -19.11 -14.49 16.31
CA GLU B 330 -18.20 -15.51 16.81
C GLU B 330 -16.79 -15.31 16.27
N ALA B 331 -16.68 -14.94 14.99
CA ALA B 331 -15.36 -14.79 14.38
C ALA B 331 -14.57 -13.64 14.98
N ARG B 332 -15.26 -12.59 15.46
CA ARG B 332 -14.55 -11.49 16.11
C ARG B 332 -13.84 -11.95 17.37
N LYS B 333 -14.50 -12.79 18.17
CA LYS B 333 -13.92 -13.26 19.42
C LYS B 333 -12.60 -13.98 19.20
N HIS B 334 -12.36 -14.50 17.99
CA HIS B 334 -11.12 -15.17 17.66
C HIS B 334 -10.24 -14.35 16.73
N GLY B 335 -10.63 -13.14 16.39
CA GLY B 335 -9.84 -12.32 15.49
C GLY B 335 -9.80 -12.81 14.06
N LYS B 336 -10.82 -13.54 13.64
CA LYS B 336 -10.91 -14.06 12.28
C LYS B 336 -11.98 -13.30 11.49
N THR B 337 -11.99 -13.54 10.18
CA THR B 337 -12.86 -12.80 9.28
C THR B 337 -13.91 -13.73 8.67
N ILE B 338 -14.82 -13.11 7.91
CA ILE B 338 -16.02 -13.78 7.40
C ILE B 338 -16.20 -13.40 5.93
N ILE B 339 -16.57 -14.38 5.11
CA ILE B 339 -16.94 -14.16 3.72
C ILE B 339 -18.42 -14.47 3.57
N ALA B 340 -19.17 -13.53 3.00
CA ALA B 340 -20.61 -13.65 2.83
C ALA B 340 -20.90 -14.19 1.43
N ASP B 341 -21.28 -15.47 1.35
CA ASP B 341 -21.56 -16.14 0.09
C ASP B 341 -23.04 -16.49 0.02
N GLY B 342 -23.71 -16.00 -1.01
CA GLY B 342 -25.09 -16.36 -1.23
C GLY B 342 -25.92 -15.37 -2.03
N GLY B 343 -27.06 -14.98 -1.47
CA GLY B 343 -28.08 -14.27 -2.21
C GLY B 343 -27.95 -12.77 -2.30
N ILE B 344 -26.82 -12.27 -2.82
CA ILE B 344 -26.72 -10.87 -3.22
C ILE B 344 -27.32 -10.72 -4.61
N LYS B 345 -28.37 -9.90 -4.72
CA LYS B 345 -28.99 -9.63 -6.01
C LYS B 345 -28.83 -8.19 -6.48
N PHE B 346 -28.66 -7.24 -5.57
CA PHE B 346 -28.42 -5.85 -5.91
C PHE B 346 -27.17 -5.37 -5.20
N SER B 347 -26.65 -4.21 -5.63
CA SER B 347 -25.48 -3.64 -4.98
C SER B 347 -25.78 -3.25 -3.55
N GLY B 348 -27.05 -2.93 -3.24
CA GLY B 348 -27.42 -2.59 -1.88
C GLY B 348 -27.30 -3.76 -0.93
N ASP B 349 -27.42 -4.99 -1.44
CA ASP B 349 -27.25 -6.15 -0.58
C ASP B 349 -25.80 -6.30 -0.13
N ILE B 350 -24.85 -5.87 -0.97
CA ILE B 350 -23.45 -5.88 -0.57
C ILE B 350 -23.23 -4.98 0.64
N THR B 351 -23.81 -3.78 0.61
CA THR B 351 -23.68 -2.87 1.74
C THR B 351 -24.31 -3.46 2.99
N LYS B 352 -25.42 -4.20 2.83
CA LYS B 352 -26.05 -4.85 3.98
C LYS B 352 -25.21 -6.01 4.49
N ALA B 353 -24.68 -6.83 3.57
CA ALA B 353 -23.91 -8.00 3.97
C ALA B 353 -22.67 -7.59 4.76
N LEU B 354 -21.94 -6.59 4.30
CA LEU B 354 -20.69 -6.12 4.94
C LEU B 354 -21.04 -5.48 6.28
N ALA B 355 -22.00 -4.57 6.36
CA ALA B 355 -22.53 -4.10 7.64
C ALA B 355 -23.23 -5.35 8.11
N ALA B 356 -23.31 -5.72 9.34
CA ALA B 356 -23.81 -7.06 9.74
C ALA B 356 -22.59 -7.90 10.09
N GLY B 357 -21.46 -7.69 9.42
CA GLY B 357 -20.19 -8.30 9.85
C GLY B 357 -19.29 -8.84 8.77
N GLY B 358 -19.81 -9.09 7.61
CA GLY B 358 -19.02 -9.69 6.55
C GLY B 358 -17.85 -8.84 6.18
N HIS B 359 -16.67 -9.44 6.03
CA HIS B 359 -15.51 -8.69 5.56
C HIS B 359 -15.44 -8.63 4.04
N ALA B 360 -15.93 -9.65 3.35
CA ALA B 360 -16.03 -9.63 1.90
C ALA B 360 -17.25 -10.44 1.49
N VAL B 361 -17.79 -10.13 0.32
CA VAL B 361 -18.91 -10.86 -0.24
C VAL B 361 -18.39 -11.72 -1.38
N MET B 362 -18.99 -12.90 -1.52
CA MET B 362 -18.63 -13.79 -2.63
C MET B 362 -19.78 -13.74 -3.60
N LEU B 363 -19.50 -13.59 -4.88
CA LEU B 363 -20.55 -13.49 -5.89
C LEU B 363 -20.32 -14.58 -6.92
N GLY B 364 -21.38 -15.14 -7.46
CA GLY B 364 -21.25 -16.14 -8.52
C GLY B 364 -22.24 -15.93 -9.63
N SER B 365 -23.52 -16.04 -9.33
CA SER B 365 -24.58 -15.93 -10.37
C SER B 365 -24.54 -14.56 -11.03
N LEU B 366 -24.26 -13.51 -10.25
CA LEU B 366 -24.21 -12.14 -10.81
C LEU B 366 -23.06 -12.05 -11.81
N LEU B 367 -22.03 -12.87 -11.63
CA LEU B 367 -20.83 -12.83 -12.52
C LEU B 367 -20.83 -14.03 -13.48
N ALA B 368 -21.80 -14.94 -13.37
CA ALA B 368 -21.82 -16.20 -14.15
C ALA B 368 -21.91 -15.99 -15.65
N GLY B 369 -22.65 -14.99 -16.08
CA GLY B 369 -22.84 -14.83 -17.51
C GLY B 369 -22.00 -13.72 -18.12
N THR B 370 -20.92 -13.35 -17.44
CA THR B 370 -20.06 -12.28 -17.93
C THR B 370 -19.08 -12.81 -18.97
N SER B 371 -18.32 -11.88 -19.54
CA SER B 371 -17.42 -12.23 -20.65
C SER B 371 -16.28 -13.12 -20.18
N GLU B 372 -15.70 -12.83 -19.01
CA GLU B 372 -14.60 -13.63 -18.48
C GLU B 372 -15.08 -14.89 -17.77
N SER B 373 -16.38 -15.13 -17.71
CA SER B 373 -16.88 -16.37 -17.13
C SER B 373 -16.59 -17.54 -18.07
N PRO B 374 -16.45 -18.75 -17.53
CA PRO B 374 -16.04 -19.89 -18.37
C PRO B 374 -17.05 -20.21 -19.45
N GLY B 375 -16.54 -20.65 -20.59
CA GLY B 375 -17.37 -21.16 -21.67
C GLY B 375 -18.12 -20.12 -22.46
N ALA B 376 -18.44 -20.45 -23.71
CA ALA B 376 -19.33 -19.65 -24.54
C ALA B 376 -20.73 -20.21 -24.60
N ALA B 377 -21.04 -21.21 -23.76
CA ALA B 377 -22.34 -21.84 -23.75
C ALA B 377 -23.38 -20.97 -23.06
N ALA B 378 -26.49 -22.44 -20.25
CA ALA B 378 -27.69 -21.59 -20.50
C ALA B 378 -27.63 -20.34 -19.63
N ALA B 379 -26.71 -19.41 -19.94
CA ALA B 379 -26.64 -18.15 -19.17
C ALA B 379 -26.68 -16.95 -20.12
N PRO B 380 -27.48 -15.91 -19.82
CA PRO B 380 -27.55 -14.73 -20.65
C PRO B 380 -26.23 -13.94 -20.60
N TYR B 381 -25.82 -13.34 -21.72
CA TYR B 381 -24.56 -12.56 -21.77
C TYR B 381 -24.75 -11.26 -20.98
N LYS B 382 -23.89 -11.05 -19.99
CA LYS B 382 -23.98 -9.85 -19.16
C LYS B 382 -22.85 -8.87 -19.42
N GLY B 383 -22.01 -9.14 -20.42
CA GLY B 383 -20.95 -8.23 -20.79
C GLY B 383 -19.68 -8.43 -20.00
N PRO B 384 -18.72 -7.52 -20.16
CA PRO B 384 -17.49 -7.61 -19.36
C PRO B 384 -17.80 -7.59 -17.87
N VAL B 385 -17.05 -8.39 -17.11
CA VAL B 385 -17.31 -8.51 -15.68
C VAL B 385 -17.05 -7.18 -14.98
N GLU B 386 -16.18 -6.34 -15.54
CA GLU B 386 -15.88 -5.07 -14.90
C GLU B 386 -17.04 -4.09 -14.96
N GLU B 387 -17.99 -4.30 -15.87
CA GLU B 387 -19.21 -3.50 -15.85
C GLU B 387 -20.04 -3.82 -14.61
N THR B 388 -20.23 -5.12 -14.32
CA THR B 388 -21.00 -5.52 -13.15
C THR B 388 -20.32 -5.09 -11.86
N VAL B 389 -19.02 -5.36 -11.73
CA VAL B 389 -18.30 -5.03 -10.51
C VAL B 389 -18.27 -3.53 -10.28
N TYR B 390 -18.21 -2.75 -11.37
CA TYR B 390 -18.17 -1.29 -11.22
C TYR B 390 -19.43 -0.74 -10.58
N GLN B 391 -20.59 -1.24 -11.00
CA GLN B 391 -21.87 -0.81 -10.42
C GLN B 391 -22.05 -1.37 -9.01
N LEU B 392 -21.58 -2.59 -8.77
CA LEU B 392 -21.69 -3.17 -7.43
C LEU B 392 -20.88 -2.38 -6.42
N VAL B 393 -19.63 -2.07 -6.74
CA VAL B 393 -18.83 -1.25 -5.84
C VAL B 393 -19.32 0.19 -5.82
N GLY B 394 -19.95 0.64 -6.90
CA GLY B 394 -20.53 1.98 -6.91
C GLY B 394 -21.66 2.11 -5.92
N GLY B 395 -22.51 1.08 -5.81
CA GLY B 395 -23.56 1.10 -4.81
C GLY B 395 -23.02 1.01 -3.40
N LEU B 396 -22.03 0.15 -3.18
CA LEU B 396 -21.43 0.02 -1.85
C LEU B 396 -20.81 1.35 -1.41
N ARG B 397 -20.09 2.02 -2.31
CA ARG B 397 -19.56 3.34 -1.99
C ARG B 397 -20.66 4.31 -1.62
N SER B 398 -21.77 4.29 -2.37
CA SER B 398 -22.90 5.16 -2.07
C SER B 398 -23.49 4.86 -0.69
N GLY B 399 -23.64 3.57 -0.37
CA GLY B 399 -24.20 3.22 0.93
C GLY B 399 -23.31 3.65 2.08
N MET B 400 -22.00 3.49 1.93
CA MET B 400 -21.09 3.91 2.99
C MET B 400 -21.06 5.43 3.13
N GLY B 401 -21.27 6.16 2.03
CA GLY B 401 -21.43 7.60 2.13
C GLY B 401 -22.63 7.99 2.97
N TYR B 402 -23.77 7.33 2.72
CA TYR B 402 -24.96 7.57 3.53
C TYR B 402 -24.72 7.23 4.99
N CYS B 403 -23.94 6.18 5.25
CA CYS B 403 -23.68 5.72 6.61
C CYS B 403 -22.53 6.46 7.28
N GLY B 404 -21.84 7.35 6.57
CA GLY B 404 -20.68 7.99 7.13
C GLY B 404 -19.54 7.04 7.41
N SER B 405 -19.46 5.94 6.66
CA SER B 405 -18.43 4.93 6.84
C SER B 405 -17.25 5.24 5.92
N LYS B 406 -16.14 5.70 6.50
CA LYS B 406 -14.96 5.98 5.70
C LYS B 406 -14.23 4.72 5.28
N ASP B 407 -14.35 3.63 6.05
CA ASP B 407 -13.77 2.35 5.66
C ASP B 407 -14.71 1.23 6.08
N LEU B 408 -14.37 0.02 5.62
CA LEU B 408 -15.22 -1.14 5.89
C LEU B 408 -15.32 -1.46 7.37
N ARG B 409 -14.26 -1.18 8.14
CA ARG B 409 -14.30 -1.42 9.57
C ARG B 409 -15.35 -0.55 10.26
N ALA B 410 -15.54 0.67 9.78
CA ALA B 410 -16.57 1.54 10.36
C ALA B 410 -17.97 1.09 9.92
N LEU B 411 -18.10 0.58 8.70
CA LEU B 411 -19.38 0.04 8.26
C LEU B 411 -19.75 -1.20 9.06
N ARG B 412 -18.79 -2.10 9.29
CA ARG B 412 -19.06 -3.32 10.04
C ARG B 412 -19.44 -3.00 11.48
N GLU B 413 -18.65 -2.16 12.14
CA GLU B 413 -18.79 -1.97 13.58
C GLU B 413 -19.92 -1.03 13.94
N GLU B 414 -20.12 0.04 13.15
CA GLU B 414 -20.94 1.17 13.59
C GLU B 414 -22.26 1.32 12.86
N ALA B 415 -22.39 0.84 11.63
CA ALA B 415 -23.60 1.07 10.86
C ALA B 415 -24.80 0.41 11.51
N GLN B 416 -25.91 1.15 11.56
CA GLN B 416 -27.15 0.67 12.16
C GLN B 416 -28.14 0.27 11.08
N PHE B 417 -28.97 -0.72 11.40
CA PHE B 417 -30.06 -1.14 10.54
C PHE B 417 -31.39 -0.70 11.12
N ILE B 418 -32.40 -0.66 10.26
CA ILE B 418 -33.79 -0.51 10.67
C ILE B 418 -34.58 -1.67 10.07
N ARG B 419 -35.37 -2.34 10.89
CA ARG B 419 -36.15 -3.51 10.46
C ARG B 419 -37.42 -3.04 9.80
N MET B 420 -37.78 -3.68 8.72
CA MET B 420 -38.98 -3.30 7.95
C MET B 420 -40.02 -4.40 8.07
N THR B 421 -41.22 -4.16 7.56
CA THR B 421 -42.35 -5.11 7.62
C THR B 421 -42.51 -5.75 6.24
N GLY B 422 -41.99 -5.11 5.19
CA GLY B 422 -42.10 -5.61 3.82
C GLY B 422 -43.36 -5.12 3.13
N ALA B 423 -44.17 -4.25 3.77
CA ALA B 423 -45.60 -4.11 3.43
C ALA B 423 -45.81 -3.59 2.01
N ALA B 424 -45.03 -2.62 1.56
CA ALA B 424 -45.16 -2.00 0.22
C ALA B 424 -44.62 -2.93 -0.89
N ALA B 425 -43.90 -3.99 -0.53
CA ALA B 425 -43.32 -4.97 -1.48
C ALA B 425 -43.43 -6.38 -0.90
PA B4P C . -1.62 12.24 29.08
O1A B4P C . -0.51 11.63 29.85
O2A B4P C . -3.01 11.75 29.31
O3A B4P C . -1.65 13.82 29.33
PB B4P C . -2.89 14.78 29.63
O1B B4P C . -4.06 14.27 28.86
O2B B4P C . -2.47 16.21 29.45
O3B B4P C . -3.16 14.51 31.18
PG B4P C . -2.87 15.33 32.53
O1G B4P C . -1.43 15.23 32.85
O2G B4P C . -3.51 16.69 32.39
O3G B4P C . -3.71 14.51 33.60
PD B4P C . -4.08 14.84 35.12
O1D B4P C . -3.36 13.88 36.02
O2D B4P C . -3.90 16.30 35.33
O5E B4P C . -1.26 12.15 27.53
C5E B4P C . 0.08 11.80 27.12
C4E B4P C . 0.04 10.50 26.37
O4E B4P C . 0.55 9.43 27.20
C3E B4P C . -1.33 9.98 25.95
O3E B4P C . -1.75 10.63 24.77
C2E B4P C . -1.08 8.48 25.77
O2E B4P C . -0.81 8.16 24.42
C1E B4P C . 0.13 8.20 26.65
N9A B4P C . -0.15 7.30 27.76
C8A B4P C . -0.57 7.66 29.01
N7A B4P C . -0.73 6.63 29.82
C5A B4P C . -0.40 5.54 29.04
C6A B4P C . -0.37 4.16 29.33
N6A B4P C . -0.70 3.64 30.51
N1A B4P C . -0.02 3.32 28.32
C2A B4P C . 0.31 3.85 27.14
N3A B4P C . 0.33 5.13 26.77
C4A B4P C . -0.04 5.93 27.78
O5F B4P C . -5.63 14.48 35.14
C5F B4P C . -6.04 13.10 35.12
C4F B4P C . -7.24 12.94 36.02
O4F B4P C . -8.01 11.80 35.57
C3F B4P C . -6.94 12.68 37.50
O3F B4P C . -7.64 13.59 38.33
C2F B4P C . -7.51 11.27 37.76
O2F B4P C . -8.02 11.12 39.06
C1F B4P C . -8.61 11.22 36.71
N9B B4P C . -9.06 9.89 36.34
C8B B4P C . -8.50 9.08 35.39
N7B B4P C . -9.12 7.94 35.25
C5B B4P C . -10.15 7.99 36.18
C6B B4P C . -11.17 7.09 36.53
N6B B4P C . -11.31 5.90 35.95
N1B B4P C . -12.03 7.45 37.49
C2B B4P C . -11.88 8.66 38.06
N3B B4P C . -10.96 9.59 37.82
C4B B4P C . -10.12 9.20 36.85
MG MG D . -2.54 18.78 35.03
PA B4P E . -1.45 -2.76 -29.10
O1A B4P E . -1.06 -1.73 -28.10
O2A B4P E . -2.57 -3.70 -28.80
O3A B4P E . -1.77 -2.00 -30.47
PB B4P E . -2.06 -0.46 -30.73
O1B B4P E . -0.90 0.28 -30.18
O2B B4P E . -3.44 -0.12 -30.28
O3B B4P E . -2.00 -0.44 -32.33
PG B4P E . -2.13 0.62 -33.52
O1G B4P E . -2.39 -0.13 -34.78
O2G B4P E . -3.07 1.70 -33.12
O3G B4P E . -0.64 1.18 -33.62
PD B4P E . 0.16 1.68 -34.90
O1D B4P E . 0.20 0.54 -35.86
O2D B4P E . -0.45 2.95 -35.36
O5E B4P E . -0.16 -3.61 -29.52
C5E B4P E . 0.76 -3.85 -28.46
C4E B4P E . 0.31 -5.03 -27.63
O4E B4P E . 1.09 -6.20 -27.98
C3E B4P E . 0.55 -4.90 -26.13
O3E B4P E . -0.09 -5.95 -25.41
C2E B4P E . 2.06 -5.13 -26.12
O2E B4P E . 2.57 -5.39 -24.83
C1E B4P E . 2.16 -6.32 -27.06
N9A B4P E . 3.40 -6.38 -27.83
C8A B4P E . 3.67 -5.69 -28.98
N7A B4P E . 4.86 -5.95 -29.48
C5A B4P E . 5.39 -6.87 -28.61
C6A B4P E . 6.62 -7.55 -28.60
N6A B4P E . 7.55 -7.37 -29.53
N1A B4P E . 6.84 -8.42 -27.60
C2A B4P E . 5.89 -8.58 -26.67
N3A B4P E . 4.70 -8.01 -26.57
C4A B4P E . 4.50 -7.15 -27.59
O5F B4P E . 1.64 1.94 -34.35
C5F B4P E . 2.06 3.16 -33.69
C4F B4P E . 2.45 4.19 -34.72
O4F B4P E . 3.56 4.97 -34.20
C3F B4P E . 2.95 3.69 -36.08
O3F B4P E . 2.75 4.69 -37.07
C2F B4P E . 4.46 3.56 -35.86
O2F B4P E . 5.22 3.69 -37.04
C1F B4P E . 4.74 4.73 -34.93
N9B B4P E . 5.80 4.43 -33.99
C8B B4P E . 5.73 3.52 -32.96
N7B B4P E . 6.81 3.46 -32.24
C5B B4P E . 7.65 4.41 -32.81
C6B B4P E . 8.95 4.83 -32.48
N6B B4P E . 9.64 4.35 -31.45
N1B B4P E . 9.50 5.81 -33.24
C2B B4P E . 8.78 6.30 -34.25
N3B B4P E . 7.56 5.98 -34.66
C4B B4P E . 7.03 5.02 -33.88
MG MG F . -2.71 3.29 -35.31
#